data_5FT6
#
_entry.id   5FT6
#
_cell.length_a   75.966
_cell.length_b   99.786
_cell.length_c   105.748
_cell.angle_alpha   90.00
_cell.angle_beta   90.00
_cell.angle_gamma   90.00
#
_symmetry.space_group_name_H-M   'P 21 21 21'
#
loop_
_entity.id
_entity.type
_entity.pdbx_description
1 polymer 'CYSTEINE DESULFURASE CSDA'
2 non-polymer GLYCEROL
3 non-polymer DI(HYDROXYETHYL)ETHER
4 non-polymer "PYRIDOXAL-5'-PHOSPHATE"
5 water water
#
_entity_poly.entity_id   1
_entity_poly.type   'polypeptide(L)'
_entity_poly.pdbx_seq_one_letter_code
;MNVFNPAQFRAQFPALQDAGVYLDSAATALKPEAVVEATQQFYSLSAGNVHRSQFAEAQRLTARYEAAREKVAQLLNAPD
DKTIVWTRGTTESINMVAQCYARPRLQPGDEIIVSVAEHHANLVPWLMVAQQTGAKVVKLPLNAQRLPDVDLLPELITPR
SRILALGQMSNVTGGCPDLARAITFAHSAGMVVMVDGAQGAVHFPADVQQLDIDFYAFSGHKLYGPTGIGVLYGKSELLE
AMSPWLGGGKMVHEVSFDGFTTQSAPWKLEAGTPNVAGVIGLSAALEWLADYDINQAESWSRSLATLAEDALAKRPGFRS
FRCQDSSLLAFDFAGVHHSDMVTLLAEYGIALRAGQH(CSU)AQPLLAELGVTGTLRASFAPYNTKSDVDALVNAVDRAL
ELLVD
;
_entity_poly.pdbx_strand_id   A,B
#
loop_
_chem_comp.id
_chem_comp.type
_chem_comp.name
_chem_comp.formula
GOL non-polymer GLYCEROL 'C3 H8 O3'
PEG non-polymer DI(HYDROXYETHYL)ETHER 'C4 H10 O3'
PLP non-polymer PYRIDOXAL-5'-PHOSPHATE 'C8 H10 N O6 P'
#
# COMPACT_ATOMS: atom_id res chain seq x y z
N MET A 1 18.24 19.32 29.84
CA MET A 1 17.12 19.30 28.91
C MET A 1 17.55 18.80 27.54
N ASN A 2 16.57 18.46 26.70
CA ASN A 2 16.86 18.05 25.33
C ASN A 2 17.32 19.24 24.50
N VAL A 3 18.56 19.19 24.04
CA VAL A 3 19.07 20.18 23.10
C VAL A 3 19.44 19.47 21.81
N PHE A 4 18.86 19.91 20.71
CA PHE A 4 19.09 19.26 19.42
C PHE A 4 20.56 19.31 19.04
N ASN A 5 21.10 18.14 18.69
CA ASN A 5 22.48 18.04 18.25
C ASN A 5 22.55 17.48 16.82
N PRO A 6 22.73 18.37 15.84
CA PRO A 6 22.74 18.00 14.41
C PRO A 6 23.68 16.84 14.09
N ALA A 7 24.85 16.83 14.69
CA ALA A 7 25.85 15.81 14.41
C ALA A 7 25.36 14.41 14.78
N GLN A 8 24.72 14.29 15.93
CA GLN A 8 24.23 13.00 16.39
C GLN A 8 23.00 12.54 15.61
N PHE A 9 22.21 13.51 15.16
CA PHE A 9 21.07 13.22 14.31
C PHE A 9 21.56 12.64 12.98
N ARG A 10 22.58 13.26 12.40
CA ARG A 10 23.18 12.79 11.16
C ARG A 10 23.69 11.36 11.26
N ALA A 11 24.30 11.03 12.41
CA ALA A 11 24.94 9.74 12.60
C ALA A 11 23.94 8.58 12.55
N GLN A 12 22.65 8.90 12.64
CA GLN A 12 21.61 7.87 12.67
C GLN A 12 21.23 7.39 11.28
N PHE A 13 21.74 8.04 10.24
CA PHE A 13 21.32 7.75 8.88
C PHE A 13 22.44 7.10 8.05
N PRO A 14 22.31 5.79 7.79
CA PRO A 14 23.35 5.04 7.06
C PRO A 14 23.54 5.50 5.62
N ALA A 15 22.51 6.09 5.01
CA ALA A 15 22.58 6.45 3.60
C ALA A 15 23.36 7.74 3.35
N LEU A 16 23.68 8.45 4.42
CA LEU A 16 24.19 9.81 4.30
C LEU A 16 25.47 9.94 3.48
N GLN A 17 26.49 9.15 3.81
CA GLN A 17 27.76 9.24 3.10
C GLN A 17 27.56 9.15 1.59
N ASP A 18 26.88 8.09 1.16
CA ASP A 18 26.62 7.87 -0.27
C ASP A 18 25.69 8.94 -0.86
N ALA A 19 24.77 9.44 -0.05
CA ALA A 19 23.78 10.41 -0.53
C ALA A 19 24.44 11.72 -0.95
N GLY A 20 25.62 11.99 -0.44
CA GLY A 20 26.31 13.24 -0.69
C GLY A 20 25.58 14.39 -0.01
N VAL A 21 25.28 15.43 -0.79
CA VAL A 21 24.52 16.56 -0.27
C VAL A 21 23.05 16.37 -0.65
N TYR A 22 22.30 15.76 0.26
CA TYR A 22 20.92 15.37 -0.02
C TYR A 22 19.96 16.50 0.31
N LEU A 23 19.37 17.08 -0.73
CA LEU A 23 18.45 18.21 -0.55
C LEU A 23 17.11 17.94 -1.22
N ASP A 24 16.62 16.71 -1.11
CA ASP A 24 15.35 16.36 -1.70
C ASP A 24 14.47 15.61 -0.71
N SER A 25 14.57 15.99 0.56
CA SER A 25 13.80 15.33 1.62
C SER A 25 12.31 15.58 1.47
N ALA A 26 11.95 16.67 0.77
CA ALA A 26 10.55 17.00 0.55
C ALA A 26 9.89 16.01 -0.39
N ALA A 27 10.69 15.32 -1.19
CA ALA A 27 10.18 14.26 -2.06
C ALA A 27 10.11 12.95 -1.28
N THR A 28 11.21 12.61 -0.62
CA THR A 28 11.23 11.45 0.27
C THR A 28 12.42 11.56 1.22
N ALA A 29 12.24 11.14 2.45
CA ALA A 29 13.27 11.29 3.47
C ALA A 29 14.18 10.07 3.54
N LEU A 30 15.42 10.29 3.97
CA LEU A 30 16.32 9.19 4.26
C LEU A 30 15.84 8.53 5.55
N LYS A 31 16.24 7.27 5.77
CA LYS A 31 15.73 6.52 6.91
C LYS A 31 16.80 6.35 7.98
N PRO A 32 16.40 6.48 9.26
CA PRO A 32 17.30 6.19 10.37
C PRO A 32 17.50 4.68 10.51
N GLU A 33 18.60 4.26 11.13
CA GLU A 33 18.92 2.84 11.24
C GLU A 33 17.77 2.06 11.88
N ALA A 34 17.10 2.67 12.84
CA ALA A 34 16.01 2.00 13.56
C ALA A 34 14.96 1.46 12.59
N VAL A 35 14.69 2.22 11.53
CA VAL A 35 13.70 1.80 10.53
C VAL A 35 14.24 0.68 9.66
N VAL A 36 15.51 0.80 9.29
CA VAL A 36 16.17 -0.23 8.48
C VAL A 36 16.16 -1.55 9.25
N GLU A 37 16.62 -1.49 10.50
CA GLU A 37 16.78 -2.69 11.31
C GLU A 37 15.43 -3.32 11.66
N ALA A 38 14.44 -2.49 11.99
CA ALA A 38 13.11 -2.99 12.30
C ALA A 38 12.53 -3.72 11.09
N THR A 39 12.82 -3.21 9.90
CA THR A 39 12.34 -3.81 8.67
C THR A 39 13.09 -5.10 8.37
N GLN A 40 14.40 -5.10 8.58
CA GLN A 40 15.20 -6.29 8.38
C GLN A 40 14.73 -7.41 9.31
N GLN A 41 14.52 -7.08 10.58
CA GLN A 41 14.04 -8.05 11.54
C GLN A 41 12.70 -8.64 11.09
N PHE A 42 11.78 -7.78 10.68
CA PHE A 42 10.45 -8.23 10.29
C PHE A 42 10.50 -9.26 9.18
N TYR A 43 11.34 -9.04 8.19
CA TYR A 43 11.42 -9.93 7.03
C TYR A 43 12.33 -11.14 7.26
N SER A 44 13.03 -11.15 8.39
CA SER A 44 13.94 -12.25 8.70
C SER A 44 13.39 -13.19 9.77
N LEU A 45 12.16 -12.93 10.21
CA LEU A 45 11.53 -13.73 11.25
C LEU A 45 10.11 -14.16 10.86
N SER A 46 9.72 -15.34 11.31
CA SER A 46 8.36 -15.80 11.11
C SER A 46 7.38 -14.88 11.82
N ALA A 47 6.19 -14.70 11.24
CA ALA A 47 5.13 -13.96 11.90
C ALA A 47 4.20 -14.94 12.60
N GLY A 48 4.58 -16.22 12.58
CA GLY A 48 3.78 -17.27 13.18
C GLY A 48 3.92 -17.34 14.69
N ASN A 49 3.32 -18.37 15.29
CA ASN A 49 3.24 -18.48 16.74
C ASN A 49 4.37 -19.30 17.36
N VAL A 50 5.38 -19.63 16.56
CA VAL A 50 6.55 -20.35 17.08
C VAL A 50 7.82 -19.53 16.90
N HIS A 51 8.63 -19.47 17.95
CA HIS A 51 9.94 -18.82 17.91
C HIS A 51 10.91 -19.57 18.80
N ARG A 52 11.83 -20.30 18.19
CA ARG A 52 12.69 -21.21 18.94
C ARG A 52 14.00 -20.59 19.43
N SER A 53 14.32 -19.39 18.95
CA SER A 53 15.52 -18.70 19.42
C SER A 53 15.46 -17.17 19.36
N GLN A 54 14.41 -16.61 18.73
CA GLN A 54 14.31 -15.17 18.55
C GLN A 54 13.00 -14.64 19.11
N PHE A 55 12.54 -15.21 20.23
CA PHE A 55 11.25 -14.85 20.76
C PHE A 55 11.22 -13.39 21.22
N ALA A 56 12.31 -12.92 21.80
CA ALA A 56 12.39 -11.54 22.28
C ALA A 56 12.26 -10.58 21.12
N GLU A 57 12.95 -10.87 20.02
CA GLU A 57 12.91 -10.02 18.84
C GLU A 57 11.52 -10.01 18.21
N ALA A 58 10.91 -11.18 18.14
CA ALA A 58 9.56 -11.30 17.60
C ALA A 58 8.58 -10.51 18.45
N GLN A 59 8.75 -10.59 19.76
CA GLN A 59 7.89 -9.86 20.70
C GLN A 59 8.02 -8.35 20.51
N ARG A 60 9.24 -7.88 20.23
CA ARG A 60 9.47 -6.47 20.01
C ARG A 60 8.73 -5.99 18.76
N LEU A 61 8.82 -6.78 17.69
CA LEU A 61 8.11 -6.45 16.45
C LEU A 61 6.62 -6.32 16.70
N THR A 62 6.07 -7.27 17.46
CA THR A 62 4.65 -7.28 17.76
C THR A 62 4.28 -6.04 18.56
N ALA A 63 5.14 -5.63 19.48
CA ALA A 63 4.90 -4.45 20.29
C ALA A 63 4.92 -3.20 19.42
N ARG A 64 5.88 -3.11 18.51
CA ARG A 64 5.95 -1.99 17.57
C ARG A 64 4.65 -1.91 16.77
N TYR A 65 4.18 -3.06 16.32
CA TYR A 65 2.98 -3.15 15.50
C TYR A 65 1.75 -2.71 16.29
N GLU A 66 1.60 -3.27 17.48
CA GLU A 66 0.43 -3.01 18.31
C GLU A 66 0.43 -1.60 18.88
N ALA A 67 1.59 -0.95 18.90
CA ALA A 67 1.71 0.41 19.44
C ALA A 67 1.71 1.46 18.34
N ALA A 68 1.67 1.03 17.08
CA ALA A 68 1.83 1.94 15.95
C ALA A 68 0.77 3.06 15.91
N ARG A 69 -0.50 2.69 16.07
CA ARG A 69 -1.56 3.69 16.05
C ARG A 69 -1.36 4.71 17.17
N GLU A 70 -1.00 4.23 18.34
N GLU A 70 -0.99 4.23 18.35
CA GLU A 70 -0.80 5.08 19.50
CA GLU A 70 -0.82 5.12 19.50
C GLU A 70 0.31 6.10 19.26
C GLU A 70 0.31 6.12 19.27
N LYS A 71 1.37 5.67 18.59
CA LYS A 71 2.49 6.56 18.33
C LYS A 71 2.13 7.64 17.31
N VAL A 72 1.24 7.31 16.38
CA VAL A 72 0.71 8.32 15.46
C VAL A 72 -0.15 9.29 16.24
N ALA A 73 -1.02 8.76 17.09
CA ALA A 73 -1.90 9.58 17.91
C ALA A 73 -1.08 10.57 18.74
N GLN A 74 0.03 10.10 19.30
CA GLN A 74 0.89 10.95 20.12
C GLN A 74 1.54 12.05 19.28
N LEU A 75 1.86 11.74 18.03
CA LEU A 75 2.42 12.75 17.13
C LEU A 75 1.40 13.85 16.87
N LEU A 76 0.13 13.47 16.72
CA LEU A 76 -0.92 14.41 16.34
C LEU A 76 -1.72 14.92 17.53
N ASN A 77 -1.41 14.41 18.72
CA ASN A 77 -2.24 14.64 19.89
C ASN A 77 -3.70 14.25 19.61
N ALA A 78 -3.88 13.11 18.94
CA ALA A 78 -5.21 12.58 18.71
C ALA A 78 -5.77 12.05 20.03
N PRO A 79 -7.09 12.14 20.22
CA PRO A 79 -7.71 11.77 21.50
C PRO A 79 -7.56 10.28 21.83
N ASP A 80 -7.53 9.42 20.81
CA ASP A 80 -7.26 8.00 21.04
C ASP A 80 -6.84 7.32 19.74
N ASP A 81 -6.20 6.16 19.87
CA ASP A 81 -5.55 5.54 18.72
C ASP A 81 -6.52 4.91 17.71
N LYS A 82 -7.80 4.83 18.06
CA LYS A 82 -8.80 4.30 17.12
C LYS A 82 -9.25 5.36 16.11
N THR A 83 -8.72 6.58 16.24
CA THR A 83 -8.95 7.62 15.24
C THR A 83 -7.87 7.58 14.16
N ILE A 84 -6.98 6.60 14.24
CA ILE A 84 -5.91 6.44 13.26
C ILE A 84 -6.21 5.28 12.31
N VAL A 85 -6.21 5.58 11.01
CA VAL A 85 -6.48 4.59 9.97
C VAL A 85 -5.27 4.46 9.05
N TRP A 86 -4.90 3.23 8.70
CA TRP A 86 -3.75 2.98 7.81
C TRP A 86 -4.17 3.04 6.33
N THR A 87 -3.29 3.60 5.50
CA THR A 87 -3.54 3.71 4.06
C THR A 87 -2.21 3.53 3.31
N ARG A 88 -2.25 3.58 1.98
N ARG A 88 -2.20 3.52 1.99
CA ARG A 88 -1.01 3.47 1.21
CA ARG A 88 -1.01 3.46 1.17
C ARG A 88 -0.18 4.74 1.37
C ARG A 88 -0.17 4.72 1.41
N GLY A 89 -0.84 5.83 1.78
CA GLY A 89 -0.19 7.12 1.87
C GLY A 89 -1.21 8.23 1.82
N THR A 90 -0.73 9.46 1.81
CA THR A 90 -1.60 10.63 1.82
C THR A 90 -2.67 10.56 0.72
N THR A 91 -2.27 10.12 -0.46
CA THR A 91 -3.18 10.08 -1.60
C THR A 91 -4.40 9.21 -1.32
N GLU A 92 -4.20 7.99 -0.82
CA GLU A 92 -5.34 7.13 -0.53
C GLU A 92 -6.19 7.72 0.60
N SER A 93 -5.53 8.28 1.61
CA SER A 93 -6.24 8.90 2.73
C SER A 93 -7.29 9.90 2.23
N ILE A 94 -6.88 10.78 1.32
CA ILE A 94 -7.77 11.82 0.83
C ILE A 94 -8.89 11.24 -0.03
N ASN A 95 -8.55 10.31 -0.92
CA ASN A 95 -9.55 9.66 -1.75
C ASN A 95 -10.61 8.98 -0.89
N MET A 96 -10.17 8.39 0.22
N MET A 96 -10.16 8.40 0.22
CA MET A 96 -11.08 7.70 1.14
CA MET A 96 -11.06 7.71 1.14
C MET A 96 -12.08 8.67 1.73
C MET A 96 -12.08 8.66 1.74
N VAL A 97 -11.61 9.86 2.13
CA VAL A 97 -12.49 10.87 2.70
C VAL A 97 -13.48 11.35 1.64
N ALA A 98 -12.98 11.57 0.43
CA ALA A 98 -13.83 12.01 -0.67
C ALA A 98 -14.91 10.98 -1.00
N GLN A 99 -14.54 9.70 -1.03
CA GLN A 99 -15.48 8.66 -1.45
C GLN A 99 -16.35 8.12 -0.32
N CYS A 100 -15.81 8.07 0.89
CA CYS A 100 -16.51 7.43 1.99
C CYS A 100 -17.26 8.42 2.88
N TYR A 101 -16.77 9.66 2.96
CA TYR A 101 -17.50 10.68 3.70
C TYR A 101 -18.29 11.62 2.80
N ALA A 102 -17.62 12.21 1.83
CA ALA A 102 -18.22 13.28 1.04
C ALA A 102 -19.25 12.77 0.04
N ARG A 103 -18.90 11.74 -0.72
CA ARG A 103 -19.72 11.30 -1.85
C ARG A 103 -21.17 10.99 -1.45
N PRO A 104 -21.37 10.19 -0.39
CA PRO A 104 -22.75 9.89 0.01
C PRO A 104 -23.49 11.08 0.63
N ARG A 105 -22.82 12.22 0.78
CA ARG A 105 -23.43 13.37 1.43
C ARG A 105 -23.62 14.57 0.51
N LEU A 106 -22.86 14.63 -0.58
CA LEU A 106 -22.92 15.77 -1.49
C LEU A 106 -24.16 15.71 -2.40
N GLN A 107 -24.76 16.88 -2.62
CA GLN A 107 -25.91 17.00 -3.49
C GLN A 107 -25.58 17.93 -4.65
N PRO A 108 -26.34 17.85 -5.75
CA PRO A 108 -26.11 18.77 -6.86
C PRO A 108 -26.13 20.22 -6.41
N GLY A 109 -25.08 20.96 -6.74
CA GLY A 109 -25.00 22.37 -6.37
C GLY A 109 -24.12 22.62 -5.16
N ASP A 110 -23.89 21.59 -4.34
CA ASP A 110 -23.00 21.71 -3.20
C ASP A 110 -21.61 22.15 -3.66
N GLU A 111 -20.88 22.80 -2.77
CA GLU A 111 -19.58 23.36 -3.14
C GLU A 111 -18.44 22.81 -2.29
N ILE A 112 -17.31 22.58 -2.96
CA ILE A 112 -16.10 22.09 -2.33
C ILE A 112 -15.00 23.11 -2.57
N ILE A 113 -14.58 23.80 -1.52
CA ILE A 113 -13.54 24.80 -1.65
C ILE A 113 -12.17 24.13 -1.57
N VAL A 114 -11.37 24.32 -2.61
CA VAL A 114 -10.04 23.74 -2.69
C VAL A 114 -9.03 24.84 -3.00
N SER A 115 -7.92 24.87 -2.29
CA SER A 115 -6.93 25.92 -2.49
C SER A 115 -6.12 25.66 -3.75
N VAL A 116 -5.69 26.73 -4.40
N VAL A 116 -5.67 26.74 -4.38
CA VAL A 116 -4.89 26.61 -5.62
CA VAL A 116 -4.89 26.65 -5.62
C VAL A 116 -3.52 26.01 -5.31
C VAL A 116 -3.45 26.20 -5.33
N ALA A 117 -3.11 26.11 -4.05
CA ALA A 117 -1.79 25.63 -3.64
C ALA A 117 -1.79 24.11 -3.38
N GLU A 118 -2.95 23.47 -3.51
CA GLU A 118 -3.05 22.05 -3.21
C GLU A 118 -2.21 21.19 -4.15
N HIS A 119 -1.50 20.25 -3.54
CA HIS A 119 -0.90 19.15 -4.25
C HIS A 119 -2.05 18.38 -4.92
N HIS A 120 -1.77 17.74 -6.06
CA HIS A 120 -2.81 17.03 -6.83
C HIS A 120 -3.64 16.04 -6.00
N ALA A 121 -2.96 15.26 -5.17
CA ALA A 121 -3.62 14.42 -4.17
C ALA A 121 -4.80 15.08 -3.46
N ASN A 122 -4.73 16.39 -3.21
CA ASN A 122 -5.82 17.10 -2.52
C ASN A 122 -6.61 17.99 -3.48
N LEU A 123 -6.65 17.62 -4.75
CA LEU A 123 -7.43 18.34 -5.73
C LEU A 123 -8.18 17.37 -6.65
N VAL A 124 -7.45 16.44 -7.25
CA VAL A 124 -8.05 15.51 -8.21
C VAL A 124 -9.22 14.73 -7.60
N PRO A 125 -9.04 14.18 -6.38
CA PRO A 125 -10.15 13.45 -5.77
C PRO A 125 -11.41 14.29 -5.60
N TRP A 126 -11.25 15.59 -5.42
CA TRP A 126 -12.39 16.48 -5.24
C TRP A 126 -13.04 16.82 -6.57
N LEU A 127 -12.24 16.97 -7.62
CA LEU A 127 -12.78 17.10 -8.97
C LEU A 127 -13.57 15.85 -9.33
N MET A 128 -13.06 14.69 -8.92
CA MET A 128 -13.72 13.42 -9.20
C MET A 128 -15.10 13.33 -8.54
N VAL A 129 -15.12 13.52 -7.22
CA VAL A 129 -16.37 13.38 -6.47
C VAL A 129 -17.35 14.48 -6.84
N ALA A 130 -16.83 15.64 -7.25
CA ALA A 130 -17.66 16.72 -7.75
C ALA A 130 -18.41 16.27 -8.99
N GLN A 131 -17.67 15.66 -9.93
CA GLN A 131 -18.24 15.12 -11.14
C GLN A 131 -19.30 14.05 -10.83
N GLN A 132 -19.01 13.24 -9.81
CA GLN A 132 -19.89 12.11 -9.46
C GLN A 132 -21.20 12.54 -8.79
N THR A 133 -21.21 13.71 -8.16
CA THR A 133 -22.34 14.11 -7.32
C THR A 133 -23.04 15.38 -7.79
N GLY A 134 -22.44 16.10 -8.73
CA GLY A 134 -23.00 17.36 -9.19
C GLY A 134 -22.52 18.53 -8.36
N ALA A 135 -21.59 18.28 -7.46
CA ALA A 135 -20.99 19.35 -6.66
C ALA A 135 -20.04 20.15 -7.52
N LYS A 136 -19.65 21.32 -7.03
CA LYS A 136 -18.77 22.22 -7.76
C LYS A 136 -17.52 22.50 -6.93
N VAL A 137 -16.36 22.43 -7.56
CA VAL A 137 -15.12 22.80 -6.91
C VAL A 137 -14.93 24.30 -7.04
N VAL A 138 -14.70 24.95 -5.91
CA VAL A 138 -14.52 26.40 -5.85
C VAL A 138 -13.07 26.71 -5.46
N LYS A 139 -12.43 27.59 -6.24
CA LYS A 139 -11.02 27.87 -6.04
C LYS A 139 -10.78 28.88 -4.91
N LEU A 140 -9.88 28.52 -4.00
CA LEU A 140 -9.38 29.46 -3.01
C LEU A 140 -8.01 29.95 -3.47
N PRO A 141 -7.95 31.18 -4.01
CA PRO A 141 -6.71 31.70 -4.60
C PRO A 141 -5.65 32.07 -3.58
N LEU A 142 -4.47 32.45 -4.07
CA LEU A 142 -3.39 32.88 -3.20
C LEU A 142 -3.52 34.36 -2.88
N ASN A 143 -2.94 34.78 -1.76
CA ASN A 143 -2.79 36.20 -1.48
C ASN A 143 -1.44 36.66 -2.02
N ALA A 144 -1.10 37.93 -1.75
CA ALA A 144 0.13 38.51 -2.29
C ALA A 144 1.39 37.84 -1.75
N GLN A 145 1.25 37.09 -0.65
CA GLN A 145 2.39 36.41 -0.05
C GLN A 145 2.44 34.92 -0.43
N ARG A 146 1.69 34.57 -1.48
CA ARG A 146 1.71 33.23 -2.05
C ARG A 146 1.10 32.15 -1.13
N LEU A 147 0.26 32.58 -0.21
CA LEU A 147 -0.46 31.65 0.66
C LEU A 147 -1.93 31.61 0.29
N PRO A 148 -2.58 30.44 0.44
CA PRO A 148 -4.03 30.42 0.29
C PRO A 148 -4.66 31.58 1.06
N ASP A 149 -5.52 32.35 0.40
CA ASP A 149 -6.03 33.60 0.95
C ASP A 149 -7.17 33.36 1.95
N VAL A 150 -6.81 33.15 3.20
CA VAL A 150 -7.79 32.82 4.24
C VAL A 150 -8.67 34.03 4.58
N ASP A 151 -8.15 35.24 4.38
CA ASP A 151 -8.94 36.46 4.57
C ASP A 151 -10.14 36.46 3.63
N LEU A 152 -9.93 35.91 2.43
CA LEU A 152 -10.95 35.92 1.39
C LEU A 152 -11.94 34.78 1.56
N LEU A 153 -11.59 33.81 2.40
CA LEU A 153 -12.37 32.59 2.55
C LEU A 153 -13.84 32.84 2.90
N PRO A 154 -14.11 33.73 3.86
CA PRO A 154 -15.50 34.00 4.23
C PRO A 154 -16.35 34.46 3.05
N GLU A 155 -15.74 35.18 2.11
CA GLU A 155 -16.45 35.67 0.94
C GLU A 155 -16.74 34.54 -0.03
N LEU A 156 -15.92 33.50 0.01
CA LEU A 156 -16.06 32.39 -0.92
C LEU A 156 -17.00 31.32 -0.38
N ILE A 157 -17.22 31.35 0.93
CA ILE A 157 -18.15 30.42 1.56
C ILE A 157 -19.59 30.87 1.31
N THR A 158 -20.44 29.92 0.93
CA THR A 158 -21.86 30.19 0.70
C THR A 158 -22.66 29.12 1.43
N PRO A 159 -24.00 29.23 1.40
CA PRO A 159 -24.82 28.20 2.05
C PRO A 159 -24.69 26.83 1.39
N ARG A 160 -24.03 26.78 0.23
CA ARG A 160 -23.84 25.52 -0.49
C ARG A 160 -22.52 24.83 -0.14
N SER A 161 -21.64 25.53 0.58
CA SER A 161 -20.33 25.00 0.91
C SER A 161 -20.40 23.86 1.93
N ARG A 162 -19.74 22.75 1.61
CA ARG A 162 -19.76 21.57 2.48
C ARG A 162 -18.36 21.12 2.89
N ILE A 163 -17.39 21.26 1.99
CA ILE A 163 -16.05 20.76 2.22
C ILE A 163 -14.99 21.83 1.97
N LEU A 164 -13.98 21.86 2.82
CA LEU A 164 -12.78 22.65 2.57
C LEU A 164 -11.57 21.71 2.47
N ALA A 165 -10.86 21.80 1.35
CA ALA A 165 -9.63 21.03 1.15
C ALA A 165 -8.45 21.99 1.17
N LEU A 166 -7.63 21.88 2.21
CA LEU A 166 -6.55 22.84 2.43
C LEU A 166 -5.30 22.14 2.93
N GLY A 167 -4.17 22.44 2.30
CA GLY A 167 -2.90 21.87 2.70
C GLY A 167 -2.31 22.63 3.86
N GLN A 168 -1.88 21.90 4.89
CA GLN A 168 -1.27 22.53 6.05
C GLN A 168 0.02 23.22 5.62
N MET A 169 0.72 22.61 4.66
CA MET A 169 2.00 23.11 4.20
C MET A 169 2.22 22.70 2.75
N SER A 170 2.60 23.66 1.91
CA SER A 170 2.83 23.42 0.50
C SER A 170 4.16 22.72 0.26
N ASN A 171 4.17 21.77 -0.68
CA ASN A 171 5.39 21.06 -1.04
C ASN A 171 6.25 21.84 -2.04
N VAL A 172 5.81 23.06 -2.37
CA VAL A 172 6.56 23.93 -3.27
C VAL A 172 7.10 25.16 -2.53
N THR A 173 6.19 25.97 -2.01
CA THR A 173 6.57 27.20 -1.30
C THR A 173 6.91 26.93 0.17
N GLY A 174 6.47 25.79 0.68
CA GLY A 174 6.60 25.49 2.09
C GLY A 174 5.68 26.35 2.94
N GLY A 175 4.78 27.08 2.28
CA GLY A 175 3.89 28.01 2.97
C GLY A 175 2.78 27.33 3.73
N CYS A 176 2.51 27.82 4.94
CA CYS A 176 1.43 27.30 5.77
C CYS A 176 0.36 28.38 5.96
N PRO A 177 -0.84 28.13 5.43
CA PRO A 177 -1.93 29.10 5.61
C PRO A 177 -2.41 29.15 7.06
N ASP A 178 -3.18 30.19 7.38
CA ASP A 178 -3.80 30.31 8.70
C ASP A 178 -4.83 29.20 8.89
N LEU A 179 -4.36 28.03 9.29
CA LEU A 179 -5.21 26.84 9.38
C LEU A 179 -6.30 26.99 10.44
N ALA A 180 -5.92 27.47 11.62
CA ALA A 180 -6.88 27.66 12.71
C ALA A 180 -8.03 28.59 12.28
N ARG A 181 -7.68 29.69 11.63
CA ARG A 181 -8.69 30.64 11.15
C ARG A 181 -9.56 30.01 10.07
N ALA A 182 -8.93 29.29 9.15
CA ALA A 182 -9.65 28.67 8.04
C ALA A 182 -10.66 27.67 8.57
N ILE A 183 -10.26 26.89 9.56
CA ILE A 183 -11.11 25.87 10.15
C ILE A 183 -12.27 26.50 10.90
N THR A 184 -12.01 27.62 11.57
CA THR A 184 -13.07 28.35 12.26
C THR A 184 -14.10 28.87 11.27
N PHE A 185 -13.64 29.45 10.16
CA PHE A 185 -14.53 29.91 9.10
C PHE A 185 -15.34 28.74 8.54
N ALA A 186 -14.67 27.64 8.22
CA ALA A 186 -15.33 26.49 7.65
C ALA A 186 -16.40 25.94 8.59
N HIS A 187 -16.03 25.76 9.87
CA HIS A 187 -16.96 25.23 10.86
C HIS A 187 -18.12 26.18 11.13
N SER A 188 -17.90 27.48 10.97
CA SER A 188 -18.99 28.45 11.11
C SER A 188 -20.11 28.13 10.13
N ALA A 189 -19.74 27.55 8.98
CA ALA A 189 -20.69 27.24 7.92
C ALA A 189 -21.05 25.76 7.88
N GLY A 190 -20.74 25.03 8.95
CA GLY A 190 -21.06 23.62 9.02
C GLY A 190 -20.28 22.75 8.05
N MET A 191 -19.10 23.19 7.66
CA MET A 191 -18.28 22.44 6.71
C MET A 191 -17.33 21.49 7.42
N VAL A 192 -16.83 20.51 6.68
CA VAL A 192 -15.76 19.67 7.20
CA VAL A 192 -15.78 19.62 7.17
C VAL A 192 -14.48 19.93 6.42
N VAL A 193 -13.35 19.82 7.10
CA VAL A 193 -12.08 20.20 6.51
C VAL A 193 -11.13 19.01 6.32
N MET A 194 -10.67 18.84 5.08
CA MET A 194 -9.64 17.85 4.78
C MET A 194 -8.29 18.54 4.74
N VAL A 195 -7.44 18.22 5.70
CA VAL A 195 -6.13 18.84 5.80
C VAL A 195 -5.04 17.92 5.28
N ASP A 196 -4.39 18.36 4.20
CA ASP A 196 -3.28 17.63 3.62
C ASP A 196 -2.01 17.94 4.41
N GLY A 197 -1.55 16.97 5.20
CA GLY A 197 -0.39 17.18 6.05
C GLY A 197 0.83 16.36 5.65
N ALA A 198 0.96 16.05 4.37
CA ALA A 198 2.09 15.25 3.89
C ALA A 198 3.42 15.95 4.21
N GLN A 199 3.44 17.27 4.11
CA GLN A 199 4.63 18.04 4.47
C GLN A 199 4.55 18.48 5.92
N GLY A 200 3.39 18.97 6.34
CA GLY A 200 3.20 19.50 7.68
C GLY A 200 3.50 18.51 8.79
N ALA A 201 3.20 17.23 8.55
CA ALA A 201 3.42 16.20 9.55
C ALA A 201 4.90 16.07 9.87
N VAL A 202 5.74 16.42 8.90
CA VAL A 202 7.18 16.30 9.05
C VAL A 202 7.78 17.49 9.78
N HIS A 203 7.26 18.68 9.49
CA HIS A 203 7.88 19.92 9.96
C HIS A 203 7.13 20.59 11.11
N PHE A 204 5.80 20.54 11.07
CA PHE A 204 4.98 21.12 12.12
C PHE A 204 3.81 20.22 12.46
N PRO A 205 4.08 19.00 12.94
CA PRO A 205 2.99 18.03 13.14
C PRO A 205 1.79 18.66 13.84
N ALA A 206 0.61 18.52 13.22
CA ALA A 206 -0.58 19.22 13.65
C ALA A 206 -1.19 18.64 14.93
N ASP A 207 -1.49 19.52 15.88
CA ASP A 207 -2.26 19.14 17.06
C ASP A 207 -3.72 19.13 16.65
N VAL A 208 -4.21 17.95 16.26
CA VAL A 208 -5.54 17.83 15.65
C VAL A 208 -6.68 18.20 16.60
N GLN A 209 -6.44 18.13 17.91
CA GLN A 209 -7.45 18.54 18.87
C GLN A 209 -7.50 20.05 19.01
N GLN A 210 -6.33 20.67 19.21
CA GLN A 210 -6.25 22.12 19.33
C GLN A 210 -6.82 22.79 18.08
N LEU A 211 -6.43 22.29 16.92
CA LEU A 211 -6.86 22.89 15.65
C LEU A 211 -8.24 22.39 15.22
N ASP A 212 -8.81 21.46 15.99
CA ASP A 212 -10.13 20.93 15.70
C ASP A 212 -10.23 20.45 14.25
N ILE A 213 -9.18 19.78 13.80
CA ILE A 213 -9.13 19.25 12.44
C ILE A 213 -10.08 18.07 12.29
N ASP A 214 -10.81 18.04 11.18
CA ASP A 214 -11.75 16.95 10.92
C ASP A 214 -11.02 15.73 10.35
N PHE A 215 -10.24 15.95 9.29
CA PHE A 215 -9.45 14.89 8.68
C PHE A 215 -8.02 15.36 8.43
N TYR A 216 -7.06 14.48 8.66
CA TYR A 216 -5.64 14.80 8.50
C TYR A 216 -4.93 13.62 7.87
N ALA A 217 -4.13 13.88 6.85
CA ALA A 217 -3.45 12.82 6.12
C ALA A 217 -1.97 13.11 5.93
N PHE A 218 -1.14 12.08 6.08
CA PHE A 218 0.29 12.19 5.76
C PHE A 218 0.86 10.85 5.32
N SER A 219 2.09 10.88 4.82
CA SER A 219 2.75 9.69 4.28
C SER A 219 4.00 9.34 5.06
N GLY A 220 4.27 8.04 5.18
CA GLY A 220 5.40 7.55 5.94
C GLY A 220 6.76 7.86 5.32
N HIS A 221 6.83 7.81 4.00
CA HIS A 221 8.14 7.85 3.33
C HIS A 221 8.85 9.19 3.45
N LYS A 222 8.12 10.28 3.63
CA LYS A 222 8.34 11.70 3.88
C LYS A 222 8.70 11.91 5.36
N LEU A 223 8.15 11.05 6.22
CA LEU A 223 8.40 11.13 7.66
C LEU A 223 9.45 10.10 8.11
N TYR A 224 10.54 10.02 7.35
CA TYR A 224 11.69 9.17 7.69
C TYR A 224 11.34 7.69 7.77
N GLY A 225 10.27 7.30 7.09
CA GLY A 225 9.75 5.95 7.22
C GLY A 225 9.57 5.20 5.91
N PRO A 226 8.91 4.04 5.97
CA PRO A 226 8.67 3.13 4.83
C PRO A 226 7.81 3.75 3.74
N THR A 227 8.00 3.27 2.52
CA THR A 227 7.08 3.59 1.44
C THR A 227 5.83 2.72 1.60
N GLY A 228 4.78 3.06 0.86
CA GLY A 228 3.56 2.26 0.85
C GLY A 228 2.83 2.26 2.17
N ILE A 229 3.00 3.30 2.97
CA ILE A 229 2.24 3.42 4.21
C ILE A 229 1.90 4.88 4.50
N GLY A 230 0.66 5.09 4.94
CA GLY A 230 0.18 6.43 5.23
C GLY A 230 -0.85 6.40 6.33
N VAL A 231 -1.31 7.59 6.71
CA VAL A 231 -2.25 7.74 7.81
C VAL A 231 -3.44 8.60 7.42
N LEU A 232 -4.62 8.20 7.87
CA LEU A 232 -5.76 9.08 7.86
C LEU A 232 -6.24 9.22 9.30
N TYR A 233 -6.16 10.43 9.83
CA TYR A 233 -6.80 10.72 11.10
C TYR A 233 -8.16 11.29 10.81
N GLY A 234 -9.14 10.90 11.64
CA GLY A 234 -10.47 11.46 11.54
C GLY A 234 -11.12 11.47 12.90
N LYS A 235 -11.88 12.53 13.20
CA LYS A 235 -12.69 12.54 14.40
C LYS A 235 -13.48 11.24 14.45
N SER A 236 -13.61 10.67 15.64
CA SER A 236 -14.25 9.37 15.80
C SER A 236 -15.63 9.34 15.16
N GLU A 237 -16.40 10.41 15.36
CA GLU A 237 -17.78 10.45 14.86
C GLU A 237 -17.81 10.53 13.33
N LEU A 238 -16.77 11.11 12.74
CA LEU A 238 -16.68 11.18 11.28
C LEU A 238 -16.29 9.83 10.69
N LEU A 239 -15.35 9.15 11.33
CA LEU A 239 -14.95 7.80 10.91
C LEU A 239 -16.13 6.85 11.01
N GLU A 240 -16.94 7.02 12.04
CA GLU A 240 -18.14 6.22 12.23
C GLU A 240 -19.13 6.47 11.10
N ALA A 241 -19.25 7.74 10.70
CA ALA A 241 -20.19 8.15 9.67
C ALA A 241 -19.78 7.68 8.28
N MET A 242 -18.48 7.47 8.08
CA MET A 242 -17.97 7.09 6.77
C MET A 242 -18.45 5.71 6.33
N SER A 243 -18.73 5.57 5.04
CA SER A 243 -19.03 4.27 4.46
C SER A 243 -17.75 3.44 4.46
N PRO A 244 -17.88 2.13 4.30
CA PRO A 244 -16.68 1.29 4.14
C PRO A 244 -15.90 1.73 2.90
N TRP A 245 -14.60 1.49 2.91
CA TRP A 245 -13.75 1.82 1.77
C TRP A 245 -13.64 0.58 0.87
N LEU A 246 -12.50 -0.11 0.89
CA LEU A 246 -12.36 -1.33 0.11
C LEU A 246 -13.06 -2.50 0.79
N GLY A 247 -13.58 -3.42 -0.01
CA GLY A 247 -14.27 -4.59 0.52
C GLY A 247 -13.39 -5.82 0.54
N GLY A 248 -13.51 -6.61 1.60
CA GLY A 248 -12.74 -7.83 1.72
C GLY A 248 -12.59 -8.28 3.16
N GLY A 249 -11.54 -9.05 3.43
CA GLY A 249 -11.28 -9.55 4.77
C GLY A 249 -10.94 -8.43 5.73
N LYS A 250 -10.95 -8.76 7.02
CA LYS A 250 -10.59 -7.82 8.09
C LYS A 250 -11.68 -6.78 8.36
N MET A 251 -12.06 -6.04 7.33
CA MET A 251 -13.06 -4.98 7.47
C MET A 251 -14.46 -5.54 7.69
N VAL A 252 -14.64 -6.79 7.30
CA VAL A 252 -15.97 -7.40 7.34
C VAL A 252 -16.18 -8.11 8.68
N HIS A 253 -17.45 -8.27 9.06
CA HIS A 253 -17.80 -9.05 10.25
C HIS A 253 -18.43 -10.36 9.80
N GLU A 254 -19.63 -10.27 9.23
CA GLU A 254 -20.31 -11.44 8.69
C GLU A 254 -20.55 -11.27 7.19
N VAL A 255 -20.48 -12.38 6.46
CA VAL A 255 -20.64 -12.36 5.01
C VAL A 255 -21.50 -13.52 4.53
N SER A 256 -22.44 -13.22 3.66
CA SER A 256 -23.21 -14.23 2.94
C SER A 256 -23.41 -13.73 1.53
N PHE A 257 -24.12 -14.51 0.72
CA PHE A 257 -24.39 -14.10 -0.66
C PHE A 257 -25.55 -13.11 -0.72
N ASP A 258 -26.12 -12.80 0.45
CA ASP A 258 -27.20 -11.82 0.53
C ASP A 258 -26.66 -10.43 0.85
N GLY A 259 -25.54 -10.37 1.57
CA GLY A 259 -24.95 -9.10 1.97
C GLY A 259 -23.86 -9.29 3.00
N PHE A 260 -23.44 -8.19 3.62
CA PHE A 260 -22.39 -8.25 4.62
C PHE A 260 -22.54 -7.16 5.67
N THR A 261 -21.91 -7.36 6.82
CA THR A 261 -21.77 -6.32 7.83
C THR A 261 -20.28 -6.06 8.02
N THR A 262 -19.95 -4.93 8.65
CA THR A 262 -18.55 -4.55 8.81
C THR A 262 -18.18 -4.34 10.27
N GLN A 263 -16.88 -4.31 10.52
CA GLN A 263 -16.34 -3.87 11.79
C GLN A 263 -16.67 -2.39 11.91
N SER A 264 -16.39 -1.81 13.08
CA SER A 264 -16.43 -0.37 13.23
C SER A 264 -15.06 0.19 12.88
N ALA A 265 -14.94 1.51 12.83
CA ALA A 265 -13.66 2.14 12.52
C ALA A 265 -12.68 1.82 13.65
N PRO A 266 -11.37 1.77 13.33
CA PRO A 266 -10.77 2.02 12.01
C PRO A 266 -10.83 0.81 11.08
N TRP A 267 -11.04 -0.37 11.64
CA TRP A 267 -10.91 -1.62 10.90
C TRP A 267 -11.88 -1.69 9.72
N LYS A 268 -13.06 -1.09 9.89
CA LYS A 268 -14.03 -0.95 8.81
C LYS A 268 -13.38 -0.45 7.52
N LEU A 269 -12.38 0.42 7.66
CA LEU A 269 -11.80 1.10 6.51
C LEU A 269 -10.50 0.45 6.04
N GLU A 270 -10.17 -0.73 6.59
CA GLU A 270 -8.91 -1.40 6.29
C GLU A 270 -9.12 -2.83 5.82
N ALA A 271 -9.39 -3.02 4.54
CA ALA A 271 -9.65 -4.33 3.98
C ALA A 271 -8.35 -5.06 3.66
N GLY A 272 -8.36 -6.38 3.79
CA GLY A 272 -7.25 -7.20 3.37
C GLY A 272 -6.06 -7.16 4.31
N THR A 273 -4.99 -7.86 3.93
CA THR A 273 -3.79 -7.92 4.73
C THR A 273 -3.13 -6.54 4.76
N PRO A 274 -2.91 -5.99 5.96
CA PRO A 274 -2.25 -4.69 6.08
C PRO A 274 -0.82 -4.73 5.55
N ASN A 275 -0.26 -3.56 5.25
CA ASN A 275 1.17 -3.48 4.98
C ASN A 275 1.90 -3.53 6.30
N VAL A 276 2.07 -4.72 6.85
CA VAL A 276 2.61 -4.91 8.19
C VAL A 276 4.01 -4.31 8.28
N ALA A 277 4.85 -4.58 7.29
CA ALA A 277 6.19 -4.01 7.25
C ALA A 277 6.14 -2.49 7.33
N GLY A 278 5.16 -1.91 6.64
CA GLY A 278 4.99 -0.48 6.59
C GLY A 278 4.57 0.09 7.94
N VAL A 279 3.63 -0.59 8.60
CA VAL A 279 3.15 -0.16 9.91
C VAL A 279 4.26 -0.25 10.95
N ILE A 280 4.96 -1.38 10.97
CA ILE A 280 6.05 -1.60 11.91
C ILE A 280 7.19 -0.59 11.70
N GLY A 281 7.51 -0.33 10.43
CA GLY A 281 8.57 0.61 10.09
C GLY A 281 8.22 2.04 10.42
N LEU A 282 6.95 2.41 10.22
CA LEU A 282 6.51 3.76 10.58
C LEU A 282 6.50 3.92 12.10
N SER A 283 6.10 2.86 12.79
CA SER A 283 6.12 2.86 14.25
C SER A 283 7.54 3.10 14.74
N ALA A 284 8.49 2.39 14.13
CA ALA A 284 9.90 2.54 14.49
C ALA A 284 10.40 3.95 14.22
N ALA A 285 9.94 4.54 13.11
CA ALA A 285 10.35 5.89 12.75
C ALA A 285 9.86 6.89 13.78
N LEU A 286 8.58 6.78 14.15
CA LEU A 286 7.97 7.67 15.13
C LEU A 286 8.61 7.54 16.50
N GLU A 287 8.84 6.29 16.92
CA GLU A 287 9.46 6.04 18.22
C GLU A 287 10.87 6.61 18.24
N TRP A 288 11.60 6.46 17.14
CA TRP A 288 12.93 7.02 17.02
C TRP A 288 12.88 8.54 17.07
N LEU A 289 11.96 9.12 16.30
CA LEU A 289 11.83 10.56 16.18
C LEU A 289 11.48 11.20 17.52
N ALA A 290 10.84 10.45 18.39
CA ALA A 290 10.38 10.96 19.68
C ALA A 290 11.52 11.41 20.59
N ASP A 291 12.74 10.97 20.30
CA ASP A 291 13.89 11.36 21.11
C ASP A 291 14.44 12.73 20.72
N TYR A 292 13.82 13.37 19.74
CA TYR A 292 14.30 14.64 19.23
C TYR A 292 13.23 15.71 19.31
N ASP A 293 13.64 16.92 19.71
CA ASP A 293 12.75 18.06 19.75
C ASP A 293 12.52 18.56 18.33
N ILE A 294 11.33 18.27 17.79
CA ILE A 294 11.03 18.60 16.40
C ILE A 294 11.10 20.10 16.16
N ASN A 295 10.78 20.88 17.18
CA ASN A 295 10.83 22.34 17.07
C ASN A 295 12.25 22.82 16.78
N GLN A 296 13.21 22.30 17.54
CA GLN A 296 14.60 22.68 17.37
C GLN A 296 15.18 22.14 16.07
N ALA A 297 14.81 20.91 15.73
CA ALA A 297 15.27 20.30 14.50
C ALA A 297 14.80 21.11 13.29
N GLU A 298 13.55 21.55 13.34
CA GLU A 298 12.96 22.30 12.23
C GLU A 298 13.57 23.69 12.08
N SER A 299 13.84 24.35 13.21
N SER A 299 13.86 24.34 13.21
CA SER A 299 14.47 25.66 13.19
CA SER A 299 14.46 25.67 13.16
C SER A 299 15.86 25.58 12.59
C SER A 299 15.88 25.59 12.60
N TRP A 300 16.54 24.46 12.85
CA TRP A 300 17.86 24.22 12.29
C TRP A 300 17.76 24.07 10.77
N SER A 301 16.80 23.27 10.32
CA SER A 301 16.57 23.08 8.89
C SER A 301 16.20 24.38 8.22
N ARG A 302 15.36 25.17 8.87
CA ARG A 302 14.93 26.46 8.32
C ARG A 302 16.10 27.44 8.25
N SER A 303 16.99 27.38 9.23
CA SER A 303 18.12 28.30 9.27
C SER A 303 19.10 28.02 8.12
N LEU A 304 19.21 26.75 7.74
CA LEU A 304 20.07 26.37 6.62
C LEU A 304 19.45 26.85 5.33
N ALA A 305 18.14 26.69 5.20
CA ALA A 305 17.43 27.12 4.00
C ALA A 305 17.57 28.64 3.82
N THR A 306 17.63 29.36 4.94
CA THR A 306 17.78 30.81 4.90
C THR A 306 19.18 31.21 4.46
N LEU A 307 20.20 30.53 4.99
CA LEU A 307 21.57 30.75 4.55
C LEU A 307 21.65 30.54 3.05
N ALA A 308 21.03 29.46 2.58
CA ALA A 308 21.04 29.12 1.16
C ALA A 308 20.35 30.21 0.33
N GLU A 309 19.14 30.57 0.72
CA GLU A 309 18.37 31.58 -0.02
C GLU A 309 19.10 32.92 -0.06
N ASP A 310 19.62 33.36 1.08
CA ASP A 310 20.34 34.63 1.17
C ASP A 310 21.54 34.66 0.23
N ALA A 311 22.24 33.53 0.13
CA ALA A 311 23.43 33.45 -0.71
C ALA A 311 23.06 33.35 -2.18
N LEU A 312 22.10 32.49 -2.49
CA LEU A 312 21.67 32.31 -3.88
C LEU A 312 21.07 33.59 -4.45
N ALA A 313 20.47 34.41 -3.59
CA ALA A 313 19.86 35.66 -4.02
C ALA A 313 20.91 36.66 -4.50
N LYS A 314 22.18 36.38 -4.24
CA LYS A 314 23.27 37.24 -4.69
C LYS A 314 23.75 36.85 -6.08
N ARG A 315 23.27 35.71 -6.56
CA ARG A 315 23.58 35.25 -7.91
C ARG A 315 22.55 35.84 -8.89
N PRO A 316 22.95 35.98 -10.15
CA PRO A 316 22.09 36.64 -11.16
C PRO A 316 20.87 35.81 -11.56
N GLY A 317 19.74 36.49 -11.77
CA GLY A 317 18.54 35.86 -12.28
C GLY A 317 17.84 34.95 -11.30
N PHE A 318 18.10 35.14 -10.01
CA PHE A 318 17.51 34.30 -8.97
C PHE A 318 16.08 34.72 -8.65
N ARG A 319 15.21 33.72 -8.51
CA ARG A 319 13.86 33.95 -8.02
C ARG A 319 13.51 32.87 -6.99
N SER A 320 13.06 33.30 -5.82
CA SER A 320 12.64 32.37 -4.77
C SER A 320 11.12 32.33 -4.67
N PHE A 321 10.60 31.14 -4.43
CA PHE A 321 9.16 30.96 -4.22
C PHE A 321 8.89 30.62 -2.76
N ARG A 322 9.94 30.69 -1.95
CA ARG A 322 9.89 30.28 -0.55
C ARG A 322 9.02 31.20 0.29
N CYS A 323 8.21 30.59 1.17
CA CYS A 323 7.37 31.34 2.11
C CYS A 323 7.81 31.10 3.54
N GLN A 324 7.65 32.12 4.38
CA GLN A 324 7.75 31.96 5.83
C GLN A 324 9.02 31.26 6.30
N ASP A 325 10.14 31.57 5.66
CA ASP A 325 11.42 30.96 6.03
C ASP A 325 11.31 29.45 6.18
N SER A 326 10.68 28.82 5.19
CA SER A 326 10.47 27.38 5.18
C SER A 326 11.78 26.61 4.98
N SER A 327 11.81 25.37 5.47
N SER A 327 11.80 25.36 5.48
CA SER A 327 12.93 24.48 5.19
CA SER A 327 12.87 24.42 5.19
C SER A 327 12.93 24.07 3.70
C SER A 327 12.94 24.10 3.71
N LEU A 328 11.86 24.40 2.99
CA LEU A 328 11.77 24.13 1.56
C LEU A 328 12.13 25.38 0.77
N LEU A 329 13.10 25.24 -0.12
CA LEU A 329 13.52 26.35 -0.97
C LEU A 329 13.30 26.01 -2.44
N ALA A 330 12.15 26.44 -2.97
CA ALA A 330 11.87 26.33 -4.38
C ALA A 330 12.37 27.60 -5.05
N PHE A 331 13.06 27.46 -6.18
CA PHE A 331 13.66 28.61 -6.82
C PHE A 331 13.85 28.42 -8.31
N ASP A 332 14.31 29.48 -8.96
CA ASP A 332 14.58 29.46 -10.39
C ASP A 332 15.79 30.32 -10.68
N PHE A 333 16.50 29.97 -11.75
CA PHE A 333 17.56 30.82 -12.27
C PHE A 333 17.27 31.15 -13.73
N ALA A 334 16.93 32.41 -13.99
CA ALA A 334 16.57 32.87 -15.32
C ALA A 334 17.65 32.50 -16.34
N GLY A 335 17.21 32.11 -17.53
CA GLY A 335 18.13 31.80 -18.62
C GLY A 335 18.89 30.51 -18.41
N VAL A 336 18.41 29.67 -17.50
CA VAL A 336 19.02 28.38 -17.26
C VAL A 336 17.97 27.27 -17.30
N HIS A 337 18.23 26.23 -18.07
CA HIS A 337 17.33 25.08 -18.12
C HIS A 337 17.44 24.29 -16.82
N HIS A 338 16.29 24.03 -16.21
CA HIS A 338 16.24 23.34 -14.93
C HIS A 338 16.95 21.99 -14.98
N SER A 339 16.70 21.23 -16.04
CA SER A 339 17.29 19.90 -16.16
C SER A 339 18.81 19.97 -16.23
N ASP A 340 19.34 21.02 -16.87
CA ASP A 340 20.78 21.19 -16.96
C ASP A 340 21.37 21.47 -15.58
N MET A 341 20.70 22.32 -14.81
CA MET A 341 21.18 22.68 -13.49
CA MET A 341 21.15 22.69 -13.47
C MET A 341 21.12 21.48 -12.55
N VAL A 342 20.01 20.74 -12.60
CA VAL A 342 19.87 19.55 -11.76
C VAL A 342 21.00 18.57 -12.05
N THR A 343 21.30 18.39 -13.34
CA THR A 343 22.34 17.47 -13.77
C THR A 343 23.73 17.94 -13.34
N LEU A 344 24.01 19.21 -13.57
CA LEU A 344 25.29 19.78 -13.20
C LEU A 344 25.47 19.66 -11.68
N LEU A 345 24.42 19.98 -10.94
CA LEU A 345 24.48 19.90 -9.48
C LEU A 345 24.69 18.46 -9.00
N ALA A 346 24.10 17.50 -9.71
CA ALA A 346 24.27 16.10 -9.36
C ALA A 346 25.72 15.68 -9.55
N GLU A 347 26.34 16.18 -10.62
CA GLU A 347 27.74 15.90 -10.88
C GLU A 347 28.61 16.45 -9.75
N TYR A 348 28.13 17.51 -9.11
CA TYR A 348 28.82 18.12 -7.98
C TYR A 348 28.43 17.49 -6.64
N GLY A 349 27.68 16.40 -6.70
CA GLY A 349 27.31 15.67 -5.50
C GLY A 349 26.12 16.27 -4.77
N ILE A 350 25.37 17.15 -5.45
CA ILE A 350 24.19 17.77 -4.86
C ILE A 350 22.92 17.12 -5.40
N ALA A 351 22.12 16.55 -4.49
CA ALA A 351 20.89 15.88 -4.89
C ALA A 351 19.66 16.76 -4.63
N LEU A 352 19.08 17.28 -5.71
CA LEU A 352 17.80 17.96 -5.63
C LEU A 352 17.03 17.67 -6.91
N ARG A 353 15.92 18.36 -7.14
CA ARG A 353 15.10 18.09 -8.31
C ARG A 353 14.47 19.35 -8.87
N ALA A 354 13.86 19.20 -10.04
CA ALA A 354 13.04 20.24 -10.63
C ALA A 354 11.72 19.59 -11.03
N GLY A 355 10.89 20.31 -11.78
CA GLY A 355 9.64 19.74 -12.26
C GLY A 355 8.43 20.48 -11.71
N GLN A 356 7.27 19.83 -11.79
CA GLN A 356 6.01 20.47 -11.44
C GLN A 356 5.55 20.17 -10.00
N HIS A 357 6.18 19.18 -9.38
CA HIS A 357 5.90 18.81 -7.99
C HIS A 357 4.41 18.54 -7.73
N CSU A 358 3.72 18.00 -8.72
CA CSU A 358 2.32 17.68 -8.63
CB CSU A 358 2.12 16.54 -7.67
SG CSU A 358 2.99 15.09 -8.23
S CSU A 358 2.60 14.79 -10.18
C CSU A 358 1.50 18.85 -8.16
O CSU A 358 0.54 18.67 -7.36
OD1 CSU A 358 1.16 14.92 -10.45
OD2 CSU A 358 3.36 15.69 -11.00
OD3 CSU A 358 3.10 13.50 -10.60
N ALA A 359 1.81 20.05 -8.66
CA ALA A 359 1.07 21.25 -8.27
C ALA A 359 0.96 22.22 -9.43
N GLN A 360 0.37 21.74 -10.53
CA GLN A 360 0.20 22.54 -11.74
C GLN A 360 -0.55 23.85 -11.54
N PRO A 361 -1.70 23.83 -10.85
CA PRO A 361 -2.41 25.11 -10.63
C PRO A 361 -1.55 26.13 -9.89
N LEU A 362 -0.83 25.68 -8.88
CA LEU A 362 0.02 26.55 -8.10
C LEU A 362 1.09 27.19 -8.97
N LEU A 363 1.79 26.37 -9.76
CA LEU A 363 2.84 26.87 -10.64
C LEU A 363 2.27 27.87 -11.64
N ALA A 364 1.11 27.60 -12.15
CA ALA A 364 0.45 28.49 -13.05
C ALA A 364 0.18 29.84 -12.36
N GLU A 365 -0.18 29.82 -11.10
CA GLU A 365 -0.33 31.03 -10.34
C GLU A 365 0.98 31.81 -10.25
N LEU A 366 2.08 31.11 -10.13
CA LEU A 366 3.39 31.72 -10.00
C LEU A 366 4.04 32.11 -11.33
N GLY A 367 3.38 31.80 -12.43
CA GLY A 367 3.86 32.17 -13.76
C GLY A 367 5.00 31.31 -14.26
N VAL A 368 5.08 30.07 -13.79
CA VAL A 368 6.15 29.17 -14.21
C VAL A 368 5.60 27.78 -14.57
N THR A 369 6.42 27.00 -15.26
CA THR A 369 6.04 25.64 -15.66
C THR A 369 6.69 24.61 -14.76
N GLY A 370 7.58 25.08 -13.88
CA GLY A 370 8.28 24.22 -12.97
C GLY A 370 9.21 25.06 -12.12
N THR A 371 9.82 24.43 -11.11
CA THR A 371 10.82 25.10 -10.31
C THR A 371 11.86 24.09 -9.87
N LEU A 372 13.06 24.60 -9.57
CA LEU A 372 14.04 23.80 -8.85
C LEU A 372 13.61 23.79 -7.40
N ARG A 373 13.99 22.76 -6.66
CA ARG A 373 13.65 22.70 -5.25
C ARG A 373 14.72 22.04 -4.41
N ALA A 374 15.30 22.81 -3.50
CA ALA A 374 16.20 22.28 -2.49
C ALA A 374 15.48 22.29 -1.17
N SER A 375 15.34 21.12 -0.55
CA SER A 375 14.66 21.00 0.73
C SER A 375 15.62 20.50 1.80
N PHE A 376 15.55 21.14 2.96
CA PHE A 376 16.51 20.85 4.03
C PHE A 376 15.85 20.07 5.15
N ALA A 377 16.61 19.14 5.72
CA ALA A 377 16.15 18.33 6.84
C ALA A 377 17.20 18.41 7.95
N PRO A 378 16.88 17.88 9.14
CA PRO A 378 17.79 18.04 10.27
C PRO A 378 19.13 17.31 10.12
N TYR A 379 19.29 16.47 9.10
CA TYR A 379 20.57 15.82 8.86
C TYR A 379 21.44 16.61 7.87
N ASN A 380 20.96 17.78 7.45
CA ASN A 380 21.76 18.65 6.60
C ASN A 380 22.65 19.57 7.44
N THR A 381 23.66 20.15 6.79
CA THR A 381 24.67 20.93 7.48
C THR A 381 24.91 22.27 6.79
N LYS A 382 25.70 23.12 7.43
CA LYS A 382 26.08 24.39 6.82
C LYS A 382 27.02 24.16 5.65
N SER A 383 27.85 23.12 5.75
N SER A 383 27.85 23.13 5.73
CA SER A 383 28.73 22.73 4.66
CA SER A 383 28.74 22.79 4.62
C SER A 383 27.91 22.36 3.42
C SER A 383 27.92 22.34 3.40
N ASP A 384 26.74 21.76 3.65
CA ASP A 384 25.84 21.40 2.57
C ASP A 384 25.39 22.66 1.83
N VAL A 385 25.08 23.70 2.60
CA VAL A 385 24.68 24.99 2.02
C VAL A 385 25.81 25.54 1.16
N ASP A 386 27.02 25.58 1.72
CA ASP A 386 28.19 26.05 1.00
C ASP A 386 28.38 25.27 -0.30
N ALA A 387 28.24 23.95 -0.22
CA ALA A 387 28.43 23.09 -1.38
C ALA A 387 27.42 23.43 -2.47
N LEU A 388 26.17 23.60 -2.07
CA LEU A 388 25.10 23.97 -3.01
C LEU A 388 25.42 25.31 -3.69
N VAL A 389 25.71 26.32 -2.89
CA VAL A 389 26.02 27.65 -3.41
C VAL A 389 27.21 27.60 -4.36
N ASN A 390 28.25 26.88 -3.96
CA ASN A 390 29.45 26.77 -4.77
C ASN A 390 29.19 26.07 -6.09
N ALA A 391 28.41 24.99 -6.04
CA ALA A 391 28.05 24.24 -7.24
C ALA A 391 27.23 25.10 -8.19
N VAL A 392 26.33 25.91 -7.64
CA VAL A 392 25.52 26.81 -8.45
C VAL A 392 26.40 27.81 -9.18
N ASP A 393 27.38 28.38 -8.49
CA ASP A 393 28.33 29.29 -9.12
C ASP A 393 28.98 28.63 -10.32
N ARG A 394 29.49 27.42 -10.12
CA ARG A 394 30.14 26.69 -11.20
C ARG A 394 29.14 26.41 -12.32
N ALA A 395 27.93 26.02 -11.95
CA ALA A 395 26.88 25.72 -12.91
C ALA A 395 26.59 26.92 -13.81
N LEU A 396 26.48 28.09 -13.19
CA LEU A 396 26.17 29.31 -13.93
C LEU A 396 27.29 29.67 -14.91
N GLU A 397 28.53 29.38 -14.52
CA GLU A 397 29.68 29.65 -15.38
C GLU A 397 29.71 28.69 -16.56
N LEU A 398 29.32 27.44 -16.32
CA LEU A 398 29.43 26.39 -17.31
C LEU A 398 28.26 26.36 -18.30
N LEU A 399 27.12 26.92 -17.91
CA LEU A 399 25.91 26.82 -18.72
C LEU A 399 25.68 28.05 -19.60
N VAL A 400 26.69 28.90 -19.75
CA VAL A 400 26.58 30.04 -20.64
C VAL A 400 26.76 29.58 -22.08
N ASP A 401 26.23 30.19 -23.02
N ASN B 2 15.74 -27.02 -14.91
CA ASN B 2 16.75 -26.97 -13.85
C ASN B 2 16.29 -27.71 -12.60
N VAL B 3 17.05 -28.74 -12.22
CA VAL B 3 16.68 -29.64 -11.13
C VAL B 3 16.49 -28.91 -9.81
N PHE B 4 15.36 -29.16 -9.16
CA PHE B 4 15.02 -28.53 -7.90
C PHE B 4 15.56 -29.33 -6.72
N ASN B 5 16.23 -28.65 -5.80
CA ASN B 5 16.72 -29.27 -4.57
C ASN B 5 16.11 -28.60 -3.35
N PRO B 6 15.23 -29.32 -2.64
CA PRO B 6 14.55 -28.76 -1.45
C PRO B 6 15.52 -28.13 -0.46
N ALA B 7 16.67 -28.77 -0.22
CA ALA B 7 17.64 -28.27 0.74
C ALA B 7 18.24 -26.94 0.31
N GLN B 8 18.51 -26.82 -0.99
CA GLN B 8 19.07 -25.59 -1.54
C GLN B 8 18.04 -24.46 -1.38
N PHE B 9 16.80 -24.75 -1.76
CA PHE B 9 15.71 -23.79 -1.61
C PHE B 9 15.59 -23.36 -0.16
N ARG B 10 15.57 -24.34 0.74
CA ARG B 10 15.33 -24.11 2.16
C ARG B 10 16.40 -23.23 2.81
N ALA B 11 17.65 -23.39 2.36
CA ALA B 11 18.77 -22.68 2.97
C ALA B 11 18.75 -21.17 2.69
N GLN B 12 17.78 -20.72 1.89
CA GLN B 12 17.71 -19.31 1.51
C GLN B 12 16.83 -18.50 2.44
N PHE B 13 16.19 -19.16 3.40
CA PHE B 13 15.22 -18.50 4.26
C PHE B 13 15.74 -18.37 5.69
N PRO B 14 16.25 -17.18 6.05
CA PRO B 14 16.89 -16.97 7.35
C PRO B 14 15.97 -17.19 8.54
N ALA B 15 14.66 -17.12 8.33
CA ALA B 15 13.70 -17.23 9.43
C ALA B 15 13.56 -18.65 9.97
N LEU B 16 13.93 -19.64 9.16
CA LEU B 16 13.57 -21.02 9.46
C LEU B 16 14.07 -21.53 10.81
N GLN B 17 15.33 -21.27 11.14
CA GLN B 17 15.88 -21.74 12.41
C GLN B 17 14.95 -21.39 13.56
N ASP B 18 14.55 -20.12 13.62
CA ASP B 18 13.68 -19.66 14.69
C ASP B 18 12.23 -20.12 14.50
N ALA B 19 11.82 -20.24 13.25
CA ALA B 19 10.42 -20.51 12.92
C ALA B 19 9.93 -21.88 13.42
N GLY B 20 10.87 -22.80 13.63
CA GLY B 20 10.50 -24.16 13.99
C GLY B 20 9.86 -24.85 12.80
N VAL B 21 8.73 -25.50 13.03
CA VAL B 21 7.99 -26.15 11.95
C VAL B 21 6.89 -25.22 11.47
N TYR B 22 7.16 -24.51 10.37
CA TYR B 22 6.25 -23.48 9.89
C TYR B 22 5.33 -24.01 8.80
N LEU B 23 4.04 -24.08 9.12
CA LEU B 23 3.05 -24.65 8.21
C LEU B 23 1.87 -23.71 8.00
N ASP B 24 2.15 -22.43 7.79
CA ASP B 24 1.09 -21.45 7.55
C ASP B 24 1.47 -20.52 6.41
N SER B 25 2.19 -21.05 5.42
CA SER B 25 2.61 -20.29 4.25
C SER B 25 1.43 -19.75 3.46
N ALA B 26 0.35 -20.52 3.40
CA ALA B 26 -0.91 -20.08 2.78
C ALA B 26 -1.43 -18.76 3.34
N ALA B 27 -1.10 -18.44 4.59
CA ALA B 27 -1.47 -17.16 5.18
C ALA B 27 -0.46 -16.11 4.75
N THR B 28 0.82 -16.39 4.99
CA THR B 28 1.90 -15.53 4.49
C THR B 28 3.19 -16.34 4.42
N ALA B 29 4.02 -16.03 3.43
CA ALA B 29 5.23 -16.82 3.18
C ALA B 29 6.45 -16.21 3.85
N LEU B 30 7.39 -17.08 4.23
CA LEU B 30 8.69 -16.64 4.69
C LEU B 30 9.45 -16.04 3.52
N LYS B 31 10.46 -15.22 3.79
CA LYS B 31 11.17 -14.52 2.72
C LYS B 31 12.57 -15.07 2.52
N PRO B 32 13.01 -15.12 1.25
CA PRO B 32 14.39 -15.52 0.97
C PRO B 32 15.35 -14.37 1.18
N GLU B 33 16.64 -14.66 1.32
CA GLU B 33 17.64 -13.64 1.61
C GLU B 33 17.59 -12.50 0.59
N ALA B 34 17.29 -12.84 -0.66
CA ALA B 34 17.29 -11.86 -1.74
C ALA B 34 16.29 -10.73 -1.46
N VAL B 35 15.15 -11.06 -0.86
CA VAL B 35 14.15 -10.06 -0.54
C VAL B 35 14.60 -9.21 0.64
N VAL B 36 15.12 -9.87 1.67
CA VAL B 36 15.60 -9.17 2.86
C VAL B 36 16.71 -8.18 2.48
N GLU B 37 17.66 -8.65 1.68
CA GLU B 37 18.83 -7.84 1.31
C GLU B 37 18.44 -6.66 0.42
N ALA B 38 17.61 -6.92 -0.57
CA ALA B 38 17.18 -5.87 -1.50
C ALA B 38 16.43 -4.76 -0.74
N THR B 39 15.66 -5.17 0.27
CA THR B 39 14.90 -4.21 1.08
C THR B 39 15.87 -3.39 1.94
N GLN B 40 16.82 -4.07 2.57
N GLN B 40 16.82 -4.08 2.57
CA GLN B 40 17.83 -3.40 3.38
CA GLN B 40 17.84 -3.43 3.38
C GLN B 40 18.59 -2.36 2.56
C GLN B 40 18.60 -2.38 2.57
N GLN B 41 18.95 -2.74 1.35
CA GLN B 41 19.69 -1.84 0.46
C GLN B 41 18.86 -0.63 0.08
N PHE B 42 17.60 -0.85 -0.27
CA PHE B 42 16.74 0.25 -0.69
C PHE B 42 16.61 1.32 0.41
N TYR B 43 16.51 0.87 1.66
CA TYR B 43 16.31 1.78 2.78
C TYR B 43 17.64 2.29 3.34
N SER B 44 18.74 1.73 2.86
CA SER B 44 20.06 2.11 3.35
C SER B 44 20.76 3.05 2.37
N LEU B 45 20.11 3.32 1.25
CA LEU B 45 20.69 4.16 0.21
C LEU B 45 19.74 5.27 -0.22
N SER B 46 20.31 6.40 -0.62
CA SER B 46 19.53 7.51 -1.14
C SER B 46 18.78 7.06 -2.38
N ALA B 47 17.58 7.61 -2.57
CA ALA B 47 16.86 7.40 -3.82
C ALA B 47 17.09 8.60 -4.73
N GLY B 48 17.99 9.49 -4.30
CA GLY B 48 18.31 10.69 -5.05
C GLY B 48 19.18 10.39 -6.24
N ASN B 49 19.60 11.45 -6.94
CA ASN B 49 20.38 11.30 -8.16
C ASN B 49 21.89 11.32 -7.92
N VAL B 50 22.29 11.26 -6.65
CA VAL B 50 23.71 11.26 -6.30
C VAL B 50 24.07 10.00 -5.51
N HIS B 51 25.19 9.39 -5.88
CA HIS B 51 25.72 8.23 -5.17
C HIS B 51 27.24 8.31 -5.11
N ARG B 52 27.74 8.70 -3.94
CA ARG B 52 29.16 8.98 -3.77
C ARG B 52 29.98 7.71 -3.56
N SER B 53 29.37 6.67 -3.00
CA SER B 53 30.11 5.47 -2.64
C SER B 53 29.38 4.15 -2.89
N GLN B 54 28.13 4.20 -3.33
CA GLN B 54 27.35 2.99 -3.53
C GLN B 54 26.63 3.00 -4.87
N PHE B 55 27.31 3.52 -5.88
CA PHE B 55 26.73 3.64 -7.22
C PHE B 55 26.28 2.28 -7.76
N ALA B 56 27.11 1.27 -7.59
CA ALA B 56 26.82 -0.07 -8.09
C ALA B 56 25.49 -0.60 -7.53
N GLU B 57 25.34 -0.51 -6.21
CA GLU B 57 24.11 -0.98 -5.56
C GLU B 57 22.90 -0.15 -5.97
N ALA B 58 23.09 1.15 -6.11
CA ALA B 58 22.00 2.03 -6.52
C ALA B 58 21.49 1.62 -7.90
N GLN B 59 22.41 1.30 -8.79
CA GLN B 59 22.06 0.85 -10.14
C GLN B 59 21.29 -0.45 -10.09
N ARG B 60 21.71 -1.38 -9.23
CA ARG B 60 21.02 -2.66 -9.11
C ARG B 60 19.60 -2.45 -8.64
N LEU B 61 19.42 -1.61 -7.63
CA LEU B 61 18.08 -1.28 -7.13
C LEU B 61 17.19 -0.74 -8.25
N THR B 62 17.73 0.23 -8.99
CA THR B 62 17.02 0.82 -10.11
C THR B 62 16.67 -0.23 -11.16
N ALA B 63 17.59 -1.16 -11.39
CA ALA B 63 17.36 -2.24 -12.34
C ALA B 63 16.21 -3.13 -11.88
N ARG B 64 16.20 -3.48 -10.60
CA ARG B 64 15.13 -4.29 -10.04
C ARG B 64 13.79 -3.58 -10.20
N TYR B 65 13.78 -2.28 -9.94
CA TYR B 65 12.56 -1.49 -9.99
C TYR B 65 12.00 -1.45 -11.42
N GLU B 66 12.85 -1.13 -12.38
CA GLU B 66 12.42 -0.94 -13.76
C GLU B 66 12.08 -2.26 -14.44
N ALA B 67 12.62 -3.36 -13.92
CA ALA B 67 12.37 -4.69 -14.48
C ALA B 67 11.20 -5.39 -13.78
N ALA B 68 10.64 -4.75 -12.76
CA ALA B 68 9.62 -5.37 -11.92
C ALA B 68 8.39 -5.84 -12.70
N ARG B 69 7.81 -4.93 -13.48
CA ARG B 69 6.62 -5.28 -14.26
C ARG B 69 6.92 -6.45 -15.20
N GLU B 70 8.09 -6.43 -15.83
N GLU B 70 8.09 -6.40 -15.82
CA GLU B 70 8.44 -7.47 -16.78
CA GLU B 70 8.53 -7.43 -16.76
C GLU B 70 8.58 -8.84 -16.11
C GLU B 70 8.58 -8.80 -16.10
N LYS B 71 9.10 -8.85 -14.88
CA LYS B 71 9.25 -10.10 -14.15
C LYS B 71 7.89 -10.69 -13.76
N VAL B 72 6.94 -9.83 -13.43
CA VAL B 72 5.58 -10.28 -13.18
C VAL B 72 4.97 -10.82 -14.46
N ALA B 73 5.22 -10.11 -15.57
CA ALA B 73 4.71 -10.53 -16.86
C ALA B 73 5.22 -11.92 -17.23
N GLN B 74 6.51 -12.15 -17.01
CA GLN B 74 7.12 -13.43 -17.33
C GLN B 74 6.50 -14.55 -16.50
N LEU B 75 6.19 -14.26 -15.24
CA LEU B 75 5.56 -15.24 -14.35
C LEU B 75 4.20 -15.68 -14.90
N LEU B 76 3.45 -14.73 -15.44
CA LEU B 76 2.08 -14.98 -15.90
C LEU B 76 2.02 -15.20 -17.41
N ASN B 77 3.15 -15.14 -18.08
CA ASN B 77 3.18 -15.14 -19.54
C ASN B 77 2.29 -14.04 -20.09
N ALA B 78 2.33 -12.86 -19.47
CA ALA B 78 1.55 -11.74 -19.95
C ALA B 78 2.16 -11.22 -21.25
N PRO B 79 1.31 -10.71 -22.15
CA PRO B 79 1.75 -10.26 -23.47
C PRO B 79 2.78 -9.13 -23.41
N ASP B 80 2.68 -8.27 -22.41
CA ASP B 80 3.62 -7.17 -22.25
C ASP B 80 3.49 -6.56 -20.86
N ASP B 81 4.50 -5.83 -20.42
CA ASP B 81 4.57 -5.40 -19.04
C ASP B 81 3.66 -4.22 -18.70
N LYS B 82 3.03 -3.63 -19.72
CA LYS B 82 2.06 -2.58 -19.50
C LYS B 82 0.71 -3.13 -19.05
N THR B 83 0.57 -4.45 -19.08
CA THR B 83 -0.65 -5.10 -18.59
C THR B 83 -0.56 -5.36 -17.09
N ILE B 84 0.58 -5.01 -16.50
CA ILE B 84 0.78 -5.21 -15.07
C ILE B 84 0.60 -3.91 -14.30
N VAL B 85 -0.33 -3.93 -13.34
CA VAL B 85 -0.63 -2.78 -12.51
C VAL B 85 -0.31 -3.08 -11.05
N TRP B 86 0.36 -2.14 -10.37
CA TRP B 86 0.72 -2.33 -8.97
C TRP B 86 -0.44 -1.96 -8.05
N THR B 87 -0.70 -2.81 -7.07
CA THR B 87 -1.72 -2.56 -6.06
C THR B 87 -1.15 -2.85 -4.68
N ARG B 88 -1.93 -2.67 -3.62
N ARG B 88 -1.98 -2.71 -3.64
CA ARG B 88 -1.42 -2.98 -2.29
CA ARG B 88 -1.57 -2.96 -2.24
C ARG B 88 -1.72 -4.42 -1.93
C ARG B 88 -1.72 -4.43 -1.92
N GLY B 89 -2.44 -5.12 -2.80
CA GLY B 89 -2.70 -6.53 -2.61
C GLY B 89 -3.82 -7.03 -3.49
N THR B 90 -4.06 -8.34 -3.43
CA THR B 90 -5.14 -8.97 -4.18
C THR B 90 -6.46 -8.24 -3.92
N THR B 91 -6.68 -7.86 -2.67
CA THR B 91 -7.90 -7.19 -2.27
C THR B 91 -8.13 -5.91 -3.07
N GLU B 92 -7.12 -5.04 -3.11
CA GLU B 92 -7.29 -3.79 -3.86
C GLU B 92 -7.46 -4.09 -5.34
N SER B 93 -6.72 -5.08 -5.83
CA SER B 93 -6.80 -5.45 -7.24
C SER B 93 -8.24 -5.75 -7.65
N ILE B 94 -8.93 -6.52 -6.83
CA ILE B 94 -10.31 -6.91 -7.13
C ILE B 94 -11.26 -5.72 -7.02
N ASN B 95 -11.12 -4.94 -5.96
CA ASN B 95 -11.92 -3.73 -5.79
C ASN B 95 -11.78 -2.79 -6.97
N MET B 96 -10.55 -2.68 -7.48
CA MET B 96 -10.29 -1.83 -8.64
C MET B 96 -11.08 -2.29 -9.86
N VAL B 97 -11.09 -3.59 -10.12
CA VAL B 97 -11.84 -4.13 -11.25
C VAL B 97 -13.32 -3.86 -11.08
N ALA B 98 -13.85 -4.12 -9.89
CA ALA B 98 -15.28 -3.94 -9.63
C ALA B 98 -15.70 -2.47 -9.75
N GLN B 99 -14.83 -1.56 -9.32
CA GLN B 99 -15.15 -0.14 -9.32
C GLN B 99 -14.81 0.54 -10.64
N CYS B 100 -13.70 0.16 -11.26
CA CYS B 100 -13.20 0.86 -12.43
C CYS B 100 -13.68 0.27 -13.76
N TYR B 101 -13.91 -1.04 -13.78
CA TYR B 101 -14.43 -1.67 -14.99
C TYR B 101 -15.92 -1.97 -14.90
N ALA B 102 -16.32 -2.70 -13.86
CA ALA B 102 -17.69 -3.18 -13.74
C ALA B 102 -18.69 -2.08 -13.45
N ARG B 103 -18.40 -1.23 -12.47
CA ARG B 103 -19.39 -0.27 -11.98
C ARG B 103 -19.96 0.64 -13.07
N PRO B 104 -19.09 1.17 -13.94
CA PRO B 104 -19.59 2.05 -15.02
C PRO B 104 -20.41 1.33 -16.09
N ARG B 105 -20.38 -0.01 -16.08
CA ARG B 105 -20.98 -0.79 -17.15
C ARG B 105 -22.18 -1.62 -16.70
N LEU B 106 -22.39 -1.71 -15.39
CA LEU B 106 -23.50 -2.50 -14.86
C LEU B 106 -24.80 -1.72 -14.88
N GLN B 107 -25.82 -2.29 -15.52
CA GLN B 107 -27.16 -1.74 -15.48
C GLN B 107 -27.97 -2.54 -14.46
N PRO B 108 -29.07 -1.97 -13.96
CA PRO B 108 -29.88 -2.72 -12.99
C PRO B 108 -30.37 -4.05 -13.57
N GLY B 109 -30.32 -5.11 -12.75
CA GLY B 109 -30.72 -6.41 -13.19
C GLY B 109 -29.56 -7.25 -13.71
N ASP B 110 -28.45 -6.58 -14.03
CA ASP B 110 -27.26 -7.30 -14.48
C ASP B 110 -26.81 -8.28 -13.41
N GLU B 111 -26.13 -9.33 -13.82
CA GLU B 111 -25.77 -10.40 -12.90
C GLU B 111 -24.26 -10.63 -12.82
N ILE B 112 -23.78 -10.84 -11.60
CA ILE B 112 -22.38 -11.12 -11.34
C ILE B 112 -22.31 -12.49 -10.70
N ILE B 113 -21.76 -13.46 -11.43
CA ILE B 113 -21.66 -14.82 -10.91
C ILE B 113 -20.41 -14.96 -10.04
N VAL B 114 -20.61 -15.33 -8.78
CA VAL B 114 -19.52 -15.47 -7.83
C VAL B 114 -19.56 -16.85 -7.18
N SER B 115 -18.44 -17.57 -7.21
CA SER B 115 -18.41 -18.92 -6.65
C SER B 115 -18.49 -18.87 -5.13
N VAL B 116 -19.10 -19.90 -4.54
CA VAL B 116 -19.26 -19.97 -3.10
C VAL B 116 -17.93 -20.29 -2.41
N ALA B 117 -16.92 -20.61 -3.19
CA ALA B 117 -15.59 -20.91 -2.65
C ALA B 117 -14.71 -19.66 -2.55
N GLU B 118 -15.24 -18.52 -2.99
CA GLU B 118 -14.45 -17.30 -3.06
C GLU B 118 -14.02 -16.78 -1.68
N HIS B 119 -12.75 -16.40 -1.60
CA HIS B 119 -12.26 -15.61 -0.49
C HIS B 119 -13.05 -14.30 -0.48
N HIS B 120 -13.28 -13.74 0.69
CA HIS B 120 -14.08 -12.51 0.82
C HIS B 120 -13.61 -11.42 -0.16
N ALA B 121 -12.30 -11.23 -0.24
CA ALA B 121 -11.71 -10.33 -1.23
C ALA B 121 -12.36 -10.41 -2.62
N ASN B 122 -12.82 -11.59 -3.01
CA ASN B 122 -13.43 -11.76 -4.33
C ASN B 122 -14.93 -12.00 -4.23
N LEU B 123 -15.54 -11.48 -3.18
CA LEU B 123 -16.98 -11.58 -2.98
C LEU B 123 -17.55 -10.23 -2.53
N VAL B 124 -16.96 -9.68 -1.46
CA VAL B 124 -17.48 -8.45 -0.86
C VAL B 124 -17.51 -7.27 -1.84
N PRO B 125 -16.45 -7.12 -2.65
CA PRO B 125 -16.45 -6.03 -3.64
C PRO B 125 -17.60 -6.16 -4.63
N TRP B 126 -18.03 -7.40 -4.90
CA TRP B 126 -19.09 -7.64 -5.86
C TRP B 126 -20.46 -7.41 -5.22
N LEU B 127 -20.58 -7.71 -3.94
CA LEU B 127 -21.77 -7.35 -3.19
C LEU B 127 -21.91 -5.83 -3.16
N MET B 128 -20.78 -5.16 -3.00
CA MET B 128 -20.76 -3.69 -2.94
C MET B 128 -21.22 -3.07 -4.25
N VAL B 129 -20.58 -3.44 -5.34
CA VAL B 129 -20.87 -2.84 -6.63
C VAL B 129 -22.27 -3.23 -7.10
N ALA B 130 -22.75 -4.38 -6.64
CA ALA B 130 -24.11 -4.81 -6.95
C ALA B 130 -25.12 -3.88 -6.28
N GLN B 131 -24.87 -3.56 -5.01
N GLN B 131 -24.88 -3.58 -5.01
CA GLN B 131 -25.73 -2.66 -4.27
CA GLN B 131 -25.72 -2.65 -4.25
C GLN B 131 -25.69 -1.26 -4.88
C GLN B 131 -25.69 -1.27 -4.89
N GLN B 132 -24.52 -0.87 -5.39
CA GLN B 132 -24.35 0.46 -5.97
C GLN B 132 -25.03 0.62 -7.33
N THR B 133 -25.26 -0.48 -8.03
CA THR B 133 -25.71 -0.42 -9.42
C THR B 133 -27.07 -1.07 -9.66
N GLY B 134 -27.61 -1.74 -8.65
CA GLY B 134 -28.86 -2.48 -8.82
C GLY B 134 -28.61 -3.83 -9.47
N ALA B 135 -27.35 -4.18 -9.66
CA ALA B 135 -27.00 -5.49 -10.19
C ALA B 135 -27.17 -6.52 -9.09
N LYS B 136 -27.07 -7.80 -9.44
CA LYS B 136 -27.29 -8.88 -8.49
C LYS B 136 -26.18 -9.93 -8.54
N VAL B 137 -25.75 -10.39 -7.37
CA VAL B 137 -24.74 -11.45 -7.29
C VAL B 137 -25.40 -12.82 -7.32
N VAL B 138 -25.02 -13.63 -8.31
CA VAL B 138 -25.55 -14.98 -8.44
C VAL B 138 -24.51 -16.01 -7.99
N LYS B 139 -24.92 -16.90 -7.09
CA LYS B 139 -24.01 -17.90 -6.54
C LYS B 139 -23.70 -19.02 -7.53
N LEU B 140 -22.43 -19.38 -7.62
CA LEU B 140 -22.00 -20.58 -8.33
C LEU B 140 -21.58 -21.61 -7.29
N PRO B 141 -22.44 -22.62 -7.05
CA PRO B 141 -22.22 -23.55 -5.94
C PRO B 141 -21.14 -24.60 -6.23
N LEU B 142 -20.83 -25.41 -5.22
CA LEU B 142 -19.82 -26.46 -5.34
C LEU B 142 -20.41 -27.72 -5.95
N ASN B 143 -19.56 -28.50 -6.61
CA ASN B 143 -19.94 -29.83 -7.07
C ASN B 143 -19.64 -30.85 -5.97
N ALA B 144 -19.65 -32.13 -6.32
CA ALA B 144 -19.44 -33.19 -5.33
C ALA B 144 -17.99 -33.25 -4.85
N GLN B 145 -17.08 -32.71 -5.64
CA GLN B 145 -15.66 -32.74 -5.29
C GLN B 145 -15.23 -31.46 -4.57
N ARG B 146 -16.19 -30.72 -4.02
CA ARG B 146 -15.93 -29.48 -3.30
C ARG B 146 -15.35 -28.38 -4.19
N LEU B 147 -15.52 -28.51 -5.50
CA LEU B 147 -15.04 -27.50 -6.44
C LEU B 147 -16.21 -26.68 -7.00
N PRO B 148 -15.98 -25.40 -7.31
CA PRO B 148 -17.00 -24.62 -8.01
C PRO B 148 -17.50 -25.37 -9.24
N ASP B 149 -18.81 -25.52 -9.35
CA ASP B 149 -19.40 -26.37 -10.38
C ASP B 149 -19.41 -25.70 -11.75
N VAL B 150 -18.26 -25.70 -12.42
CA VAL B 150 -18.12 -25.07 -13.73
C VAL B 150 -19.09 -25.66 -14.75
N ASP B 151 -19.45 -26.93 -14.59
CA ASP B 151 -20.38 -27.59 -15.50
C ASP B 151 -21.78 -27.01 -15.39
N LEU B 152 -22.10 -26.43 -14.25
CA LEU B 152 -23.43 -25.88 -14.00
C LEU B 152 -23.57 -24.45 -14.55
N LEU B 153 -22.45 -23.88 -14.99
CA LEU B 153 -22.40 -22.48 -15.39
C LEU B 153 -23.42 -22.12 -16.48
N PRO B 154 -23.61 -23.00 -17.47
CA PRO B 154 -24.56 -22.74 -18.56
C PRO B 154 -26.00 -22.53 -18.08
N GLU B 155 -26.40 -23.22 -17.01
CA GLU B 155 -27.73 -23.06 -16.44
C GLU B 155 -27.81 -21.77 -15.63
N LEU B 156 -26.65 -21.19 -15.30
CA LEU B 156 -26.59 -20.01 -14.47
C LEU B 156 -26.37 -18.75 -15.30
N ILE B 157 -25.67 -18.87 -16.42
CA ILE B 157 -25.46 -17.76 -17.32
C ILE B 157 -26.76 -17.39 -18.03
N THR B 158 -27.11 -16.12 -17.98
CA THR B 158 -28.29 -15.62 -18.66
C THR B 158 -27.88 -14.39 -19.47
N PRO B 159 -28.81 -13.86 -20.29
CA PRO B 159 -28.51 -12.68 -21.09
C PRO B 159 -28.07 -11.47 -20.24
N ARG B 160 -28.35 -11.53 -18.94
CA ARG B 160 -27.99 -10.44 -18.03
C ARG B 160 -26.60 -10.62 -17.41
N SER B 161 -26.00 -11.79 -17.62
CA SER B 161 -24.71 -12.12 -17.00
C SER B 161 -23.58 -11.28 -17.58
N ARG B 162 -22.85 -10.59 -16.71
CA ARG B 162 -21.81 -9.66 -17.14
C ARG B 162 -20.42 -10.04 -16.61
N ILE B 163 -20.36 -10.51 -15.37
CA ILE B 163 -19.08 -10.80 -14.71
C ILE B 163 -19.07 -12.18 -14.08
N LEU B 164 -17.92 -12.85 -14.17
CA LEU B 164 -17.69 -14.08 -13.41
C LEU B 164 -16.49 -13.88 -12.48
N ALA B 165 -16.72 -14.06 -11.19
CA ALA B 165 -15.65 -13.99 -10.21
C ALA B 165 -15.33 -15.40 -9.71
N LEU B 166 -14.16 -15.90 -10.09
CA LEU B 166 -13.77 -17.27 -9.77
C LEU B 166 -12.32 -17.33 -9.32
N GLY B 167 -12.07 -18.02 -8.21
CA GLY B 167 -10.73 -18.19 -7.70
C GLY B 167 -10.02 -19.33 -8.41
N GLN B 168 -8.77 -19.08 -8.82
CA GLN B 168 -7.96 -20.12 -9.43
C GLN B 168 -7.70 -21.24 -8.44
N MET B 169 -7.55 -20.88 -7.17
CA MET B 169 -7.24 -21.85 -6.13
C MET B 169 -7.77 -21.39 -4.78
N SER B 170 -8.56 -22.24 -4.13
CA SER B 170 -9.10 -21.94 -2.82
C SER B 170 -8.02 -21.94 -1.74
N ASN B 171 -8.15 -21.02 -0.80
CA ASN B 171 -7.21 -20.93 0.32
C ASN B 171 -7.60 -21.85 1.47
N VAL B 172 -8.63 -22.67 1.26
CA VAL B 172 -9.06 -23.62 2.28
C VAL B 172 -8.84 -25.06 1.81
N THR B 173 -9.45 -25.41 0.68
CA THR B 173 -9.36 -26.76 0.15
C THR B 173 -8.16 -26.93 -0.79
N GLY B 174 -7.63 -25.81 -1.27
CA GLY B 174 -6.56 -25.83 -2.26
C GLY B 174 -7.08 -26.25 -3.62
N GLY B 175 -8.40 -26.37 -3.73
CA GLY B 175 -9.02 -26.86 -4.96
C GLY B 175 -8.91 -25.87 -6.10
N CYS B 176 -8.67 -26.39 -7.30
CA CYS B 176 -8.59 -25.58 -8.50
C CYS B 176 -9.68 -25.99 -9.48
N PRO B 177 -10.66 -25.10 -9.69
CA PRO B 177 -11.76 -25.41 -10.62
C PRO B 177 -11.28 -25.37 -12.07
N ASP B 178 -12.09 -25.89 -12.99
CA ASP B 178 -11.74 -25.89 -14.40
C ASP B 178 -11.87 -24.48 -14.95
N LEU B 179 -10.77 -23.74 -14.91
CA LEU B 179 -10.76 -22.32 -15.23
C LEU B 179 -10.94 -22.08 -16.74
N ALA B 180 -10.26 -22.89 -17.55
CA ALA B 180 -10.34 -22.77 -19.00
C ALA B 180 -11.77 -22.92 -19.50
N ARG B 181 -12.49 -23.85 -18.89
CA ARG B 181 -13.86 -24.16 -19.29
C ARG B 181 -14.83 -23.08 -18.83
N ALA B 182 -14.62 -22.59 -17.62
CA ALA B 182 -15.44 -21.51 -17.08
C ALA B 182 -15.28 -20.27 -17.94
N ILE B 183 -14.04 -20.00 -18.36
CA ILE B 183 -13.73 -18.84 -19.17
C ILE B 183 -14.38 -18.93 -20.55
N THR B 184 -14.32 -20.11 -21.17
CA THR B 184 -14.93 -20.30 -22.48
C THR B 184 -16.42 -20.00 -22.43
N PHE B 185 -17.10 -20.53 -21.41
CA PHE B 185 -18.53 -20.26 -21.22
C PHE B 185 -18.78 -18.77 -21.02
N ALA B 186 -18.01 -18.17 -20.12
CA ALA B 186 -18.17 -16.75 -19.81
C ALA B 186 -18.04 -15.92 -21.07
N HIS B 187 -16.99 -16.18 -21.85
CA HIS B 187 -16.71 -15.40 -23.05
C HIS B 187 -17.74 -15.65 -24.15
N SER B 188 -18.37 -16.82 -24.13
CA SER B 188 -19.46 -17.11 -25.06
C SER B 188 -20.63 -16.18 -24.78
N ALA B 189 -20.79 -15.78 -23.53
CA ALA B 189 -21.88 -14.89 -23.13
C ALA B 189 -21.41 -13.44 -23.04
N GLY B 190 -20.23 -13.16 -23.58
CA GLY B 190 -19.70 -11.82 -23.60
C GLY B 190 -19.33 -11.26 -22.23
N MET B 191 -19.08 -12.16 -21.28
CA MET B 191 -18.71 -11.75 -19.92
C MET B 191 -17.21 -11.57 -19.79
N VAL B 192 -16.78 -10.97 -18.68
CA VAL B 192 -15.37 -10.90 -18.33
C VAL B 192 -15.16 -11.62 -17.00
N VAL B 193 -13.97 -12.18 -16.80
CA VAL B 193 -13.71 -13.02 -15.64
C VAL B 193 -12.66 -12.40 -14.71
N MET B 194 -13.01 -12.29 -13.44
CA MET B 194 -12.08 -11.86 -12.41
C MET B 194 -11.49 -13.08 -11.72
N VAL B 195 -10.25 -13.42 -12.06
CA VAL B 195 -9.60 -14.58 -11.48
C VAL B 195 -8.78 -14.18 -10.24
N ASP B 196 -9.19 -14.71 -9.09
CA ASP B 196 -8.45 -14.49 -7.85
C ASP B 196 -7.30 -15.49 -7.75
N GLY B 197 -6.08 -15.01 -7.97
CA GLY B 197 -4.92 -15.88 -8.00
C GLY B 197 -3.99 -15.73 -6.81
N ALA B 198 -4.52 -15.30 -5.68
CA ALA B 198 -3.71 -15.09 -4.47
C ALA B 198 -2.95 -16.35 -4.10
N GLN B 199 -3.61 -17.50 -4.19
CA GLN B 199 -2.96 -18.78 -3.92
C GLN B 199 -2.36 -19.36 -5.19
N GLY B 200 -3.12 -19.31 -6.28
CA GLY B 200 -2.70 -19.87 -7.55
C GLY B 200 -1.35 -19.37 -8.04
N ALA B 201 -1.10 -18.07 -7.87
CA ALA B 201 0.15 -17.47 -8.33
C ALA B 201 1.35 -18.12 -7.65
N VAL B 202 1.15 -18.58 -6.42
CA VAL B 202 2.23 -19.17 -5.64
C VAL B 202 2.52 -20.62 -6.08
N HIS B 203 1.46 -21.35 -6.40
CA HIS B 203 1.58 -22.78 -6.64
C HIS B 203 1.52 -23.16 -8.12
N PHE B 204 0.57 -22.56 -8.85
CA PHE B 204 0.41 -22.84 -10.27
C PHE B 204 0.19 -21.55 -11.08
N PRO B 205 1.18 -20.64 -11.07
CA PRO B 205 0.93 -19.34 -11.72
C PRO B 205 0.26 -19.47 -13.09
N ALA B 206 -0.87 -18.78 -13.24
CA ALA B 206 -1.68 -18.89 -14.45
C ALA B 206 -1.00 -18.30 -15.67
N ASP B 207 -1.03 -19.06 -16.76
CA ASP B 207 -0.64 -18.54 -18.07
C ASP B 207 -1.82 -17.75 -18.62
N VAL B 208 -1.81 -16.44 -18.41
CA VAL B 208 -2.98 -15.62 -18.69
C VAL B 208 -3.35 -15.57 -20.17
N GLN B 209 -2.37 -15.72 -21.05
CA GLN B 209 -2.65 -15.75 -22.48
C GLN B 209 -3.29 -17.07 -22.88
N GLN B 210 -2.66 -18.18 -22.48
CA GLN B 210 -3.18 -19.50 -22.81
C GLN B 210 -4.59 -19.69 -22.28
N LEU B 211 -4.83 -19.19 -21.06
CA LEU B 211 -6.14 -19.34 -20.42
C LEU B 211 -7.08 -18.20 -20.79
N ASP B 212 -6.57 -17.22 -21.53
CA ASP B 212 -7.39 -16.09 -21.98
C ASP B 212 -8.08 -15.41 -20.80
N ILE B 213 -7.31 -15.17 -19.74
CA ILE B 213 -7.83 -14.51 -18.54
C ILE B 213 -7.99 -13.01 -18.76
N ASP B 214 -9.11 -12.47 -18.26
CA ASP B 214 -9.38 -11.04 -18.39
C ASP B 214 -8.64 -10.25 -17.31
N PHE B 215 -8.91 -10.58 -16.05
CA PHE B 215 -8.23 -9.96 -14.91
C PHE B 215 -7.66 -11.03 -14.00
N TYR B 216 -6.47 -10.77 -13.44
CA TYR B 216 -5.79 -11.72 -12.57
C TYR B 216 -5.14 -10.97 -11.41
N ALA B 217 -5.42 -11.39 -10.19
CA ALA B 217 -4.90 -10.71 -9.00
C ALA B 217 -4.15 -11.64 -8.06
N PHE B 218 -3.03 -11.18 -7.53
CA PHE B 218 -2.32 -11.88 -6.47
C PHE B 218 -1.57 -10.92 -5.55
N SER B 219 -1.10 -11.43 -4.41
CA SER B 219 -0.41 -10.61 -3.42
C SER B 219 1.05 -11.02 -3.29
N GLY B 220 1.91 -10.04 -3.03
CA GLY B 220 3.33 -10.30 -2.91
C GLY B 220 3.70 -11.09 -1.66
N HIS B 221 2.96 -10.89 -0.58
CA HIS B 221 3.36 -11.43 0.72
C HIS B 221 3.22 -12.96 0.86
N LYS B 222 2.34 -13.58 0.08
CA LYS B 222 1.98 -14.97 -0.22
C LYS B 222 3.06 -15.55 -1.13
N LEU B 223 3.61 -14.70 -2.00
CA LEU B 223 4.61 -15.12 -2.98
C LEU B 223 6.03 -14.79 -2.52
N TYR B 224 6.34 -15.12 -1.27
CA TYR B 224 7.69 -14.97 -0.72
C TYR B 224 8.20 -13.54 -0.79
N GLY B 225 7.29 -12.58 -0.80
CA GLY B 225 7.66 -11.19 -1.01
C GLY B 225 7.18 -10.22 0.06
N PRO B 226 7.38 -8.92 -0.19
CA PRO B 226 7.01 -7.85 0.72
C PRO B 226 5.52 -7.80 1.02
N THR B 227 5.15 -7.18 2.14
CA THR B 227 3.77 -6.86 2.41
C THR B 227 3.46 -5.55 1.67
N GLY B 228 2.18 -5.23 1.56
CA GLY B 228 1.77 -3.96 0.97
C GLY B 228 2.02 -3.86 -0.52
N ILE B 229 2.17 -4.99 -1.20
CA ILE B 229 2.30 -4.98 -2.64
C ILE B 229 1.54 -6.12 -3.29
N GLY B 230 0.90 -5.81 -4.41
CA GLY B 230 0.11 -6.80 -5.12
C GLY B 230 0.10 -6.47 -6.61
N VAL B 231 -0.57 -7.32 -7.37
CA VAL B 231 -0.62 -7.17 -8.81
C VAL B 231 -2.05 -7.28 -9.32
N LEU B 232 -2.37 -6.41 -10.28
CA LEU B 232 -3.55 -6.62 -11.12
C LEU B 232 -3.07 -6.74 -12.54
N TYR B 233 -3.27 -7.91 -13.14
CA TYR B 233 -3.08 -8.06 -14.57
C TYR B 233 -4.42 -7.88 -15.26
N GLY B 234 -4.41 -7.19 -16.39
CA GLY B 234 -5.59 -7.05 -17.21
C GLY B 234 -5.22 -6.97 -18.67
N LYS B 235 -6.02 -7.55 -19.54
CA LYS B 235 -5.84 -7.38 -20.97
C LYS B 235 -5.75 -5.89 -21.25
N SER B 236 -4.87 -5.50 -22.17
CA SER B 236 -4.59 -4.09 -22.40
C SER B 236 -5.84 -3.30 -22.79
N GLU B 237 -6.78 -3.94 -23.47
CA GLU B 237 -8.06 -3.34 -23.87
C GLU B 237 -8.93 -3.03 -22.68
N LEU B 238 -8.95 -3.94 -21.73
CA LEU B 238 -9.77 -3.79 -20.53
C LEU B 238 -9.18 -2.70 -19.63
N LEU B 239 -7.86 -2.70 -19.49
CA LEU B 239 -7.17 -1.69 -18.70
C LEU B 239 -7.42 -0.30 -19.29
N GLU B 240 -7.42 -0.22 -20.62
CA GLU B 240 -7.69 1.04 -21.31
C GLU B 240 -9.13 1.48 -21.08
N ALA B 241 -10.05 0.52 -21.07
CA ALA B 241 -11.47 0.81 -20.91
C ALA B 241 -11.80 1.20 -19.47
N MET B 242 -10.95 0.82 -18.52
CA MET B 242 -11.21 1.10 -17.11
C MET B 242 -11.16 2.58 -16.81
N SER B 243 -12.05 3.02 -15.92
CA SER B 243 -12.00 4.37 -15.39
C SER B 243 -10.77 4.49 -14.50
N PRO B 244 -10.38 5.73 -14.18
CA PRO B 244 -9.28 5.88 -13.22
C PRO B 244 -9.66 5.27 -11.88
N TRP B 245 -8.66 4.91 -11.09
CA TRP B 245 -8.89 4.41 -9.74
C TRP B 245 -8.79 5.61 -8.79
N LEU B 246 -7.77 5.66 -7.95
CA LEU B 246 -7.59 6.82 -7.07
C LEU B 246 -7.09 8.01 -7.85
N GLY B 247 -7.46 9.21 -7.39
CA GLY B 247 -7.01 10.43 -8.02
C GLY B 247 -5.83 11.06 -7.29
N GLY B 248 -4.91 11.65 -8.05
CA GLY B 248 -3.75 12.30 -7.47
C GLY B 248 -2.60 12.40 -8.45
N GLY B 249 -1.39 12.49 -7.92
CA GLY B 249 -0.20 12.60 -8.74
C GLY B 249 0.07 11.31 -9.50
N LYS B 250 0.96 11.41 -10.50
CA LYS B 250 1.40 10.26 -11.28
C LYS B 250 0.34 9.81 -12.30
N MET B 251 -0.89 9.59 -11.82
CA MET B 251 -1.96 9.11 -12.68
C MET B 251 -2.51 10.20 -13.61
N VAL B 252 -2.28 11.46 -13.26
CA VAL B 252 -2.75 12.56 -14.08
C VAL B 252 -1.77 12.92 -15.18
N HIS B 253 -2.29 13.56 -16.23
CA HIS B 253 -1.45 14.23 -17.20
C HIS B 253 -1.52 15.72 -16.94
N GLU B 254 -2.69 16.32 -17.17
CA GLU B 254 -2.89 17.74 -16.90
C GLU B 254 -4.01 17.95 -15.89
N VAL B 255 -3.87 18.99 -15.08
CA VAL B 255 -4.82 19.27 -14.02
C VAL B 255 -5.10 20.76 -13.90
N SER B 256 -6.38 21.12 -13.85
CA SER B 256 -6.78 22.48 -13.56
C SER B 256 -8.03 22.44 -12.70
N PHE B 257 -8.60 23.60 -12.39
CA PHE B 257 -9.79 23.65 -11.57
C PHE B 257 -11.07 23.38 -12.39
N ASP B 258 -10.90 23.19 -13.69
CA ASP B 258 -12.01 22.82 -14.57
C ASP B 258 -12.09 21.31 -14.79
N GLY B 259 -11.01 20.61 -14.48
CA GLY B 259 -10.97 19.17 -14.68
C GLY B 259 -9.55 18.66 -14.84
N PHE B 260 -9.42 17.42 -15.29
CA PHE B 260 -8.12 16.79 -15.43
C PHE B 260 -8.14 15.71 -16.50
N THR B 261 -6.97 15.37 -17.02
CA THR B 261 -6.80 14.23 -17.91
C THR B 261 -5.83 13.26 -17.25
N THR B 262 -5.79 12.02 -17.72
CA THR B 262 -4.95 11.01 -17.10
C THR B 262 -3.96 10.39 -18.06
N GLN B 263 -2.96 9.72 -17.50
CA GLN B 263 -2.08 8.87 -18.28
C GLN B 263 -2.90 7.69 -18.79
N SER B 264 -2.30 6.89 -19.66
CA SER B 264 -2.90 5.62 -20.05
C SER B 264 -2.53 4.58 -19.00
N ALA B 265 -3.06 3.37 -19.14
CA ALA B 265 -2.70 2.28 -18.25
C ALA B 265 -1.24 1.89 -18.51
N PRO B 266 -0.55 1.38 -17.48
CA PRO B 266 -1.05 1.11 -16.12
C PRO B 266 -1.05 2.32 -15.19
N TRP B 267 -0.35 3.39 -15.57
CA TRP B 267 -0.13 4.53 -14.67
C TRP B 267 -1.43 5.26 -14.35
N LYS B 268 -2.39 5.19 -15.27
CA LYS B 268 -3.71 5.75 -15.03
C LYS B 268 -4.28 5.25 -13.71
N LEU B 269 -3.94 4.01 -13.37
CA LEU B 269 -4.54 3.33 -12.22
C LEU B 269 -3.64 3.35 -11.00
N GLU B 270 -2.55 4.11 -11.06
CA GLU B 270 -1.56 4.13 -9.98
C GLU B 270 -1.29 5.55 -9.48
N ALA B 271 -2.18 6.05 -8.63
CA ALA B 271 -2.06 7.39 -8.10
C ALA B 271 -1.03 7.45 -6.96
N GLY B 272 -0.36 8.58 -6.83
CA GLY B 272 0.51 8.83 -5.70
C GLY B 272 1.84 8.10 -5.75
N THR B 273 2.62 8.26 -4.69
CA THR B 273 3.93 7.62 -4.61
C THR B 273 3.76 6.11 -4.51
N PRO B 274 4.40 5.37 -5.43
CA PRO B 274 4.31 3.90 -5.39
C PRO B 274 5.00 3.34 -4.16
N ASN B 275 4.59 2.14 -3.74
CA ASN B 275 5.31 1.43 -2.69
C ASN B 275 6.59 0.87 -3.29
N VAL B 276 7.58 1.75 -3.44
CA VAL B 276 8.82 1.40 -4.13
C VAL B 276 9.52 0.21 -3.48
N ALA B 277 9.58 0.21 -2.15
CA ALA B 277 10.20 -0.90 -1.43
C ALA B 277 9.49 -2.20 -1.78
N GLY B 278 8.17 -2.16 -1.82
CA GLY B 278 7.37 -3.31 -2.15
C GLY B 278 7.64 -3.81 -3.56
N VAL B 279 7.68 -2.90 -4.52
CA VAL B 279 7.94 -3.26 -5.91
C VAL B 279 9.33 -3.88 -6.06
N ILE B 280 10.34 -3.22 -5.49
CA ILE B 280 11.70 -3.71 -5.56
C ILE B 280 11.83 -5.08 -4.89
N GLY B 281 11.18 -5.23 -3.75
CA GLY B 281 11.19 -6.49 -3.03
C GLY B 281 10.51 -7.61 -3.79
N LEU B 282 9.39 -7.30 -4.43
CA LEU B 282 8.68 -8.31 -5.21
C LEU B 282 9.51 -8.69 -6.43
N SER B 283 10.14 -7.69 -7.04
CA SER B 283 11.04 -7.94 -8.16
C SER B 283 12.14 -8.91 -7.74
N ALA B 284 12.73 -8.67 -6.58
CA ALA B 284 13.79 -9.52 -6.06
C ALA B 284 13.29 -10.94 -5.83
N ALA B 285 12.09 -11.07 -5.27
CA ALA B 285 11.52 -12.40 -5.01
C ALA B 285 11.35 -13.16 -6.32
N LEU B 286 10.76 -12.49 -7.31
CA LEU B 286 10.50 -13.12 -8.59
C LEU B 286 11.79 -13.52 -9.29
N GLU B 287 12.78 -12.62 -9.28
CA GLU B 287 14.07 -12.91 -9.91
C GLU B 287 14.73 -14.12 -9.27
N TRP B 288 14.68 -14.18 -7.95
CA TRP B 288 15.23 -15.32 -7.21
C TRP B 288 14.46 -16.59 -7.53
N LEU B 289 13.13 -16.46 -7.61
CA LEU B 289 12.26 -17.59 -7.84
C LEU B 289 12.44 -18.16 -9.24
N ALA B 290 12.87 -17.34 -10.19
CA ALA B 290 12.97 -17.71 -11.58
C ALA B 290 13.99 -18.88 -11.81
N ASP B 291 14.95 -18.95 -10.94
CA ASP B 291 15.96 -20.00 -10.90
C ASP B 291 15.45 -21.37 -10.48
N TYR B 292 14.25 -21.47 -9.96
CA TYR B 292 13.74 -22.72 -9.48
C TYR B 292 12.59 -23.20 -10.34
N ASP B 293 12.54 -24.49 -10.61
CA ASP B 293 11.45 -25.11 -11.33
C ASP B 293 10.25 -25.25 -10.39
N ILE B 294 9.24 -24.41 -10.60
CA ILE B 294 8.11 -24.34 -9.68
C ILE B 294 7.35 -25.65 -9.61
N ASN B 295 7.29 -26.36 -10.72
CA ASN B 295 6.56 -27.62 -10.78
C ASN B 295 7.17 -28.65 -9.84
N GLN B 296 8.49 -28.75 -9.84
CA GLN B 296 9.20 -29.66 -8.94
C GLN B 296 9.08 -29.19 -7.49
N ALA B 297 9.15 -27.87 -7.28
CA ALA B 297 9.01 -27.32 -5.95
C ALA B 297 7.61 -27.60 -5.40
N GLU B 298 6.62 -27.42 -6.26
CA GLU B 298 5.23 -27.64 -5.87
C GLU B 298 4.96 -29.13 -5.66
N SER B 299 5.56 -29.96 -6.49
CA SER B 299 5.42 -31.41 -6.35
C SER B 299 5.89 -31.85 -4.96
N TRP B 300 7.00 -31.28 -4.52
CA TRP B 300 7.55 -31.56 -3.20
C TRP B 300 6.57 -31.17 -2.10
N SER B 301 6.07 -29.94 -2.17
N SER B 301 6.07 -29.94 -2.15
CA SER B 301 5.13 -29.42 -1.19
CA SER B 301 5.14 -29.46 -1.14
C SER B 301 3.88 -30.30 -1.13
C SER B 301 3.85 -30.27 -1.12
N ARG B 302 3.38 -30.68 -2.30
CA ARG B 302 2.18 -31.49 -2.39
C ARG B 302 2.41 -32.87 -1.79
N SER B 303 3.59 -33.44 -2.05
CA SER B 303 3.93 -34.76 -1.55
C SER B 303 4.00 -34.77 -0.02
N LEU B 304 4.50 -33.69 0.57
CA LEU B 304 4.55 -33.56 2.02
C LEU B 304 3.14 -33.49 2.59
N ALA B 305 2.28 -32.72 1.94
CA ALA B 305 0.89 -32.60 2.37
C ALA B 305 0.20 -33.97 2.36
N THR B 306 0.55 -34.80 1.38
CA THR B 306 -0.04 -36.13 1.26
C THR B 306 0.45 -37.04 2.37
N LEU B 307 1.74 -37.00 2.65
CA LEU B 307 2.30 -37.79 3.75
C LEU B 307 1.65 -37.38 5.05
N ALA B 308 1.38 -36.10 5.21
CA ALA B 308 0.74 -35.58 6.40
C ALA B 308 -0.71 -36.04 6.49
N GLU B 309 -1.45 -35.89 5.39
CA GLU B 309 -2.86 -36.27 5.38
C GLU B 309 -3.02 -37.78 5.59
N ASP B 310 -2.21 -38.58 4.90
CA ASP B 310 -2.26 -40.02 5.05
C ASP B 310 -2.07 -40.42 6.51
N ALA B 311 -1.09 -39.82 7.16
CA ALA B 311 -0.79 -40.12 8.55
C ALA B 311 -1.95 -39.71 9.46
N LEU B 312 -2.32 -38.44 9.38
CA LEU B 312 -3.40 -37.90 10.21
C LEU B 312 -4.69 -38.69 10.03
N ALA B 313 -4.89 -39.20 8.82
CA ALA B 313 -6.10 -39.97 8.50
C ALA B 313 -6.18 -41.25 9.32
N LYS B 314 -5.03 -41.73 9.79
CA LYS B 314 -4.97 -42.95 10.60
C LYS B 314 -5.36 -42.68 12.05
N ARG B 315 -5.47 -41.40 12.41
CA ARG B 315 -5.91 -41.04 13.76
C ARG B 315 -7.43 -40.95 13.80
N PRO B 316 -8.02 -41.17 14.99
CA PRO B 316 -9.48 -41.23 15.14
C PRO B 316 -10.12 -39.85 15.06
N GLY B 317 -11.21 -39.75 14.31
CA GLY B 317 -11.98 -38.53 14.22
C GLY B 317 -11.42 -37.53 13.22
N PHE B 318 -10.45 -37.96 12.41
CA PHE B 318 -9.85 -37.07 11.44
C PHE B 318 -10.77 -36.79 10.27
N ARG B 319 -10.78 -35.53 9.83
CA ARG B 319 -11.59 -35.11 8.69
C ARG B 319 -10.79 -34.11 7.86
N SER B 320 -10.79 -34.30 6.54
CA SER B 320 -10.02 -33.45 5.65
C SER B 320 -10.90 -32.79 4.59
N PHE B 321 -10.57 -31.54 4.27
CA PHE B 321 -11.30 -30.78 3.25
C PHE B 321 -10.40 -30.54 2.06
N ARG B 322 -9.29 -31.28 2.03
CA ARG B 322 -8.27 -31.12 1.01
C ARG B 322 -8.73 -31.63 -0.35
N CYS B 323 -8.45 -30.84 -1.40
CA CYS B 323 -8.80 -31.22 -2.76
C CYS B 323 -7.56 -31.39 -3.63
N GLN B 324 -7.61 -32.36 -4.54
CA GLN B 324 -6.61 -32.48 -5.59
C GLN B 324 -5.18 -32.59 -5.07
N ASP B 325 -4.98 -33.29 -3.97
CA ASP B 325 -3.66 -33.46 -3.37
C ASP B 325 -2.93 -32.12 -3.28
N SER B 326 -3.62 -31.10 -2.81
N SER B 326 -3.61 -31.09 -2.80
CA SER B 326 -3.06 -29.75 -2.70
CA SER B 326 -3.03 -29.75 -2.73
C SER B 326 -2.00 -29.67 -1.61
C SER B 326 -1.98 -29.69 -1.62
N SER B 327 -1.11 -28.69 -1.71
CA SER B 327 -0.13 -28.42 -0.67
C SER B 327 -0.81 -27.82 0.56
N LEU B 328 -2.08 -27.42 0.41
CA LEU B 328 -2.88 -26.95 1.54
C LEU B 328 -3.69 -28.09 2.13
N LEU B 329 -3.59 -28.25 3.45
CA LEU B 329 -4.31 -29.33 4.13
C LEU B 329 -5.20 -28.76 5.23
N ALA B 330 -6.46 -28.51 4.87
CA ALA B 330 -7.45 -28.06 5.84
C ALA B 330 -8.14 -29.29 6.41
N PHE B 331 -8.20 -29.37 7.73
CA PHE B 331 -8.71 -30.57 8.38
C PHE B 331 -9.36 -30.25 9.71
N ASP B 332 -9.87 -31.30 10.36
CA ASP B 332 -10.58 -31.16 11.61
C ASP B 332 -10.51 -32.48 12.36
N PHE B 333 -10.51 -32.41 13.69
CA PHE B 333 -10.60 -33.60 14.53
C PHE B 333 -11.87 -33.53 15.38
N ALA B 334 -12.71 -34.56 15.27
CA ALA B 334 -13.95 -34.62 16.04
C ALA B 334 -13.68 -34.50 17.53
N GLY B 335 -14.33 -33.54 18.17
CA GLY B 335 -14.27 -33.40 19.62
C GLY B 335 -13.15 -32.54 20.14
N VAL B 336 -12.54 -31.72 19.28
CA VAL B 336 -11.47 -30.82 19.72
C VAL B 336 -11.78 -29.37 19.39
N HIS B 337 -11.47 -28.48 20.32
CA HIS B 337 -11.51 -27.05 20.05
C HIS B 337 -10.28 -26.69 19.22
N HIS B 338 -10.52 -26.12 18.05
CA HIS B 338 -9.42 -25.80 17.13
C HIS B 338 -8.37 -24.91 17.79
N SER B 339 -8.82 -23.88 18.48
CA SER B 339 -7.91 -22.93 19.12
C SER B 339 -7.00 -23.65 20.13
N ASP B 340 -7.54 -24.67 20.78
CA ASP B 340 -6.77 -25.43 21.76
C ASP B 340 -5.65 -26.22 21.10
N MET B 341 -5.96 -26.86 19.97
CA MET B 341 -4.94 -27.64 19.26
C MET B 341 -3.87 -26.73 18.68
N VAL B 342 -4.29 -25.59 18.13
CA VAL B 342 -3.35 -24.62 17.59
C VAL B 342 -2.37 -24.18 18.66
N THR B 343 -2.89 -23.92 19.86
CA THR B 343 -2.07 -23.45 20.97
C THR B 343 -1.05 -24.51 21.39
N LEU B 344 -1.50 -25.76 21.49
CA LEU B 344 -0.62 -26.85 21.92
C LEU B 344 0.43 -27.18 20.86
N LEU B 345 0.02 -27.18 19.60
CA LEU B 345 0.97 -27.42 18.51
C LEU B 345 2.06 -26.35 18.53
N ALA B 346 1.67 -25.11 18.78
CA ALA B 346 2.65 -24.03 18.90
C ALA B 346 3.62 -24.33 20.04
N GLU B 347 3.07 -24.76 21.17
CA GLU B 347 3.90 -25.11 22.33
C GLU B 347 4.85 -26.24 21.96
N TYR B 348 4.48 -27.05 20.98
CA TYR B 348 5.30 -28.18 20.56
C TYR B 348 6.21 -27.84 19.36
N GLY B 349 6.17 -26.59 18.92
CA GLY B 349 7.05 -26.12 17.87
C GLY B 349 6.44 -26.13 16.47
N ILE B 350 5.13 -26.34 16.39
CA ILE B 350 4.45 -26.40 15.11
C ILE B 350 3.57 -25.16 14.92
N ALA B 351 3.80 -24.42 13.83
CA ALA B 351 3.07 -23.19 13.56
C ALA B 351 2.05 -23.37 12.44
N LEU B 352 0.78 -23.53 12.82
CA LEU B 352 -0.32 -23.51 11.85
C LEU B 352 -1.43 -22.62 12.41
N ARG B 353 -2.60 -22.66 11.79
CA ARG B 353 -3.71 -21.85 12.27
C ARG B 353 -5.06 -22.54 12.12
N ALA B 354 -6.10 -21.87 12.58
CA ALA B 354 -7.47 -22.30 12.40
C ALA B 354 -8.32 -21.08 12.11
N GLY B 355 -9.63 -21.24 12.05
CA GLY B 355 -10.54 -20.12 11.82
C GLY B 355 -11.33 -20.28 10.54
N GLN B 356 -11.90 -19.17 10.06
CA GLN B 356 -12.78 -19.19 8.90
C GLN B 356 -12.02 -18.91 7.60
N HIS B 357 -10.81 -18.40 7.72
CA HIS B 357 -9.95 -18.15 6.55
C HIS B 357 -10.62 -17.24 5.53
N CSU B 358 -11.36 -16.25 6.02
CA CSU B 358 -12.06 -15.31 5.18
CB CSU B 358 -11.07 -14.41 4.52
SG CSU B 358 -10.12 -13.51 5.72
S CSU B 358 -11.35 -12.60 7.02
C CSU B 358 -12.86 -16.01 4.12
O CSU B 358 -12.86 -15.57 2.94
OD1 CSU B 358 -12.53 -12.07 6.32
OD2 CSU B 358 -11.75 -13.51 8.07
OD3 CSU B 358 -10.67 -11.58 7.77
N ALA B 359 -13.58 -17.06 4.50
CA ALA B 359 -14.40 -17.81 3.54
C ALA B 359 -15.65 -18.40 4.19
N GLN B 360 -16.40 -17.54 4.87
CA GLN B 360 -17.61 -17.95 5.58
C GLN B 360 -18.62 -18.72 4.71
N PRO B 361 -18.94 -18.21 3.51
CA PRO B 361 -19.88 -18.94 2.66
C PRO B 361 -19.42 -20.36 2.31
N LEU B 362 -18.13 -20.52 2.01
CA LEU B 362 -17.57 -21.83 1.69
C LEU B 362 -17.72 -22.78 2.87
N LEU B 363 -17.36 -22.32 4.06
CA LEU B 363 -17.43 -23.16 5.26
C LEU B 363 -18.87 -23.52 5.59
N ALA B 364 -19.78 -22.57 5.43
CA ALA B 364 -21.19 -22.83 5.63
C ALA B 364 -21.62 -24.00 4.75
N GLU B 365 -21.12 -24.00 3.51
CA GLU B 365 -21.47 -25.05 2.55
C GLU B 365 -20.87 -26.39 2.97
N LEU B 366 -19.66 -26.35 3.53
CA LEU B 366 -19.00 -27.56 4.00
C LEU B 366 -19.61 -28.09 5.30
N GLY B 367 -20.42 -27.27 5.95
CA GLY B 367 -21.10 -27.68 7.17
C GLY B 367 -20.25 -27.51 8.41
N VAL B 368 -19.29 -26.60 8.35
CA VAL B 368 -18.39 -26.36 9.48
C VAL B 368 -18.29 -24.86 9.79
N THR B 369 -17.90 -24.56 11.03
CA THR B 369 -17.76 -23.18 11.47
C THR B 369 -16.33 -22.67 11.29
N GLY B 370 -15.41 -23.61 11.08
CA GLY B 370 -14.00 -23.28 10.91
C GLY B 370 -13.22 -24.55 10.69
N THR B 371 -11.92 -24.42 10.41
CA THR B 371 -11.06 -25.59 10.26
C THR B 371 -9.64 -25.26 10.64
N LEU B 372 -8.87 -26.30 10.94
CA LEU B 372 -7.42 -26.17 11.07
C LEU B 372 -6.85 -26.18 9.66
N ARG B 373 -5.68 -25.57 9.47
CA ARG B 373 -5.04 -25.61 8.17
C ARG B 373 -3.53 -25.66 8.27
N ALA B 374 -2.96 -26.75 7.77
CA ALA B 374 -1.53 -26.86 7.61
C ALA B 374 -1.22 -26.71 6.13
N SER B 375 -0.41 -25.72 5.80
CA SER B 375 -0.03 -25.44 4.42
C SER B 375 1.46 -25.69 4.25
N PHE B 376 1.82 -26.43 3.20
CA PHE B 376 3.20 -26.82 2.98
C PHE B 376 3.84 -26.04 1.84
N ALA B 377 5.09 -25.64 2.06
CA ALA B 377 5.85 -24.87 1.07
C ALA B 377 7.12 -25.62 0.73
N PRO B 378 7.80 -25.21 -0.35
CA PRO B 378 9.00 -25.93 -0.81
C PRO B 378 10.14 -25.91 0.20
N TYR B 379 10.07 -25.05 1.22
CA TYR B 379 11.09 -25.04 2.27
C TYR B 379 10.71 -25.92 3.47
N ASN B 380 9.61 -26.65 3.36
CA ASN B 380 9.26 -27.63 4.38
C ASN B 380 9.94 -28.97 4.08
N THR B 381 9.92 -29.87 5.06
CA THR B 381 10.66 -31.13 4.93
C THR B 381 9.84 -32.31 5.41
N LYS B 382 10.38 -33.51 5.22
CA LYS B 382 9.73 -34.72 5.72
C LYS B 382 9.66 -34.68 7.24
N SER B 383 10.70 -34.16 7.87
N SER B 383 10.70 -34.16 7.88
CA SER B 383 10.75 -34.08 9.33
CA SER B 383 10.74 -34.10 9.33
C SER B 383 9.64 -33.18 9.86
C SER B 383 9.68 -33.15 9.89
N ASP B 384 9.29 -32.16 9.09
CA ASP B 384 8.21 -31.25 9.48
C ASP B 384 6.91 -32.04 9.57
N VAL B 385 6.72 -32.97 8.65
CA VAL B 385 5.54 -33.83 8.65
C VAL B 385 5.56 -34.73 9.87
N ASP B 386 6.70 -35.37 10.11
CA ASP B 386 6.87 -36.23 11.28
C ASP B 386 6.56 -35.46 12.56
N ALA B 387 7.04 -34.22 12.63
CA ALA B 387 6.87 -33.39 13.81
C ALA B 387 5.40 -32.99 13.98
N LEU B 388 4.74 -32.65 12.88
CA LEU B 388 3.33 -32.31 12.91
C LEU B 388 2.50 -33.48 13.43
N VAL B 389 2.78 -34.67 12.92
CA VAL B 389 2.05 -35.86 13.32
C VAL B 389 2.21 -36.13 14.80
N ASN B 390 3.45 -36.11 15.28
CA ASN B 390 3.74 -36.38 16.69
C ASN B 390 3.09 -35.34 17.61
N ALA B 391 3.11 -34.08 17.19
CA ALA B 391 2.54 -33.00 18.00
C ALA B 391 1.02 -33.13 18.07
N VAL B 392 0.41 -33.60 16.98
CA VAL B 392 -1.02 -33.86 16.97
C VAL B 392 -1.35 -35.03 17.90
N ASP B 393 -0.51 -36.05 17.92
CA ASP B 393 -0.71 -37.18 18.81
C ASP B 393 -0.68 -36.71 20.26
N ARG B 394 0.34 -35.93 20.61
CA ARG B 394 0.46 -35.38 21.96
C ARG B 394 -0.76 -34.54 22.30
N ALA B 395 -1.18 -33.69 21.36
CA ALA B 395 -2.32 -32.80 21.57
C ALA B 395 -3.58 -33.60 21.83
N LEU B 396 -3.87 -34.56 20.97
CA LEU B 396 -5.09 -35.37 21.09
C LEU B 396 -5.16 -36.09 22.43
N GLU B 397 -4.02 -36.46 22.99
CA GLU B 397 -3.99 -37.11 24.29
C GLU B 397 -4.51 -36.17 25.37
N LEU B 398 -4.02 -34.94 25.36
CA LEU B 398 -4.33 -33.97 26.41
C LEU B 398 -5.72 -33.37 26.25
N LEU B 399 -6.35 -33.57 25.10
CA LEU B 399 -7.65 -32.99 24.82
C LEU B 399 -8.73 -34.05 24.75
N VAL B 400 -8.58 -34.98 23.82
CA VAL B 400 -9.53 -36.08 23.68
C VAL B 400 -9.15 -37.21 24.64
N ASP B 401 -8.96 -38.35 24.23
C1 GOL C . 3.53 -9.73 12.10
O1 GOL C . 2.19 -9.86 11.67
C2 GOL C . 3.50 -8.89 13.37
O2 GOL C . 4.71 -9.06 14.08
C3 GOL C . 2.39 -9.43 14.25
O3 GOL C . 2.84 -9.48 15.58
C1 GOL D . 27.98 33.44 -10.42
O1 GOL D . 27.26 34.57 -10.03
C2 GOL D . 29.43 33.58 -9.94
O2 GOL D . 29.92 34.85 -10.31
C3 GOL D . 30.28 32.49 -10.57
O3 GOL D . 31.55 33.01 -10.88
C1 GOL E . 7.42 -0.20 21.03
O1 GOL E . 8.71 -0.56 20.58
C2 GOL E . 7.47 0.38 22.44
O2 GOL E . 7.65 -0.68 23.35
C3 GOL E . 6.11 1.01 22.71
O3 GOL E . 6.23 2.24 23.41
C1 GOL F . 15.23 36.84 -0.63
O1 GOL F . 15.07 36.51 -1.99
C2 GOL F . 16.71 36.75 -0.24
O2 GOL F . 16.84 36.66 1.16
C3 GOL F . 17.45 37.99 -0.74
O3 GOL F . 18.44 38.34 0.19
C1 GOL G . -22.30 19.84 -12.71
O1 GOL G . -23.27 18.82 -12.78
C2 GOL G . -21.54 19.93 -14.03
O2 GOL G . -22.29 20.66 -14.98
C3 GOL G . -20.31 20.76 -13.76
O3 GOL G . -20.63 21.70 -12.76
C1 GOL H . -2.03 -2.90 13.59
O1 GOL H . -2.23 -1.52 13.82
C2 GOL H . -3.07 -3.71 14.36
O2 GOL H . -4.36 -3.26 14.05
C3 GOL H . -2.83 -3.59 15.86
O3 GOL H . -2.91 -4.85 16.47
C1 PEG I . 25.52 20.61 25.95
O1 PEG I . 26.68 19.87 25.79
C2 PEG I . 24.35 19.69 25.94
O2 PEG I . 23.23 20.34 26.43
C3 PEG I . 23.20 20.75 27.74
C4 PEG I . 22.19 19.96 28.51
O4 PEG I . 21.01 20.66 28.60
N1 PLP J . 0.44 16.36 -0.68
C2 PLP J . 1.67 16.92 -0.42
C2A PLP J . 1.75 18.37 -0.02
C3 PLP J . 2.83 16.15 -0.53
O3 PLP J . 3.92 16.67 -0.30
C4 PLP J . 2.74 14.81 -0.89
C4A PLP J . 3.97 13.93 -1.02
C5 PLP J . 1.49 14.25 -1.16
C6 PLP J . 0.34 15.04 -1.05
C5A PLP J . 1.31 12.82 -1.56
O4P PLP J . 1.87 11.73 -0.80
P PLP J . 1.81 10.23 -1.41
O1P PLP J . 2.42 10.36 -2.75
O2P PLP J . 2.60 9.44 -0.44
O3P PLP J . 0.37 9.90 -1.42
C1 GOL K . 6.97 2.58 -13.60
O1 GOL K . 6.23 2.04 -14.67
C2 GOL K . 8.22 1.75 -13.37
O2 GOL K . 9.36 2.59 -13.38
C3 GOL K . 8.14 1.00 -12.04
O3 GOL K . 7.23 -0.08 -12.14
C1 GOL L . 4.32 -39.37 8.91
O1 GOL L . 4.93 -38.91 10.11
C2 GOL L . 5.32 -40.24 8.15
O2 GOL L . 6.44 -39.45 7.79
C3 GOL L . 4.65 -40.77 6.89
O3 GOL L . 5.55 -40.67 5.80
C1 GOL M . 10.82 8.20 -4.76
O1 GOL M . 11.11 6.82 -4.82
C2 GOL M . 9.43 8.41 -4.17
O2 GOL M . 9.39 7.87 -2.86
C3 GOL M . 9.08 9.90 -4.13
O3 GOL M . 9.76 10.57 -5.16
C1 PEG N . -3.95 -39.03 -1.77
O1 PEG N . -3.82 -38.59 -0.48
C2 PEG N . -4.07 -40.52 -1.79
O2 PEG N . -3.22 -41.10 -2.71
C3 PEG N . -2.13 -41.81 -2.27
C4 PEG N . -1.04 -40.95 -1.74
O4 PEG N . -0.28 -41.76 -0.94
N1 PLP O . -7.90 -14.42 -1.97
C2 PLP O . -7.24 -15.57 -1.58
C2A PLP O . -7.63 -16.88 -2.18
C3 PLP O . -6.22 -15.50 -0.63
O3 PLP O . -5.64 -16.53 -0.29
C4 PLP O . -5.85 -14.27 -0.08
C4A PLP O . -4.75 -14.21 0.96
C5 PLP O . -6.54 -13.12 -0.47
C6 PLP O . -7.55 -13.21 -1.42
C5A PLP O . -6.22 -11.77 0.09
O4P PLP O . -4.95 -11.13 -0.19
P PLP O . -4.56 -9.74 0.52
O1P PLP O . -5.00 -9.92 1.92
O2P PLP O . -3.11 -9.64 0.33
O3P PLP O . -5.34 -8.72 -0.23
#